data_5T8S
#
_entry.id   5T8S
#
_cell.length_a   115.710
_cell.length_b   115.710
_cell.length_c   146.240
_cell.angle_alpha   90.000
_cell.angle_beta   90.000
_cell.angle_gamma   90.000
#
_symmetry.space_group_name_H-M   'P 41 2 2'
#
loop_
_entity.id
_entity.type
_entity.pdbx_description
1 polymer 'S-adenosylmethionine synthase'
2 non-polymer 'MAGNESIUM ION'
3 non-polymer 'ADENOSINE MONOPHOSPHATE'
4 non-polymer 'PYROPHOSPHATE 2-'
5 non-polymer 'PHOSPHATE ION'
6 non-polymer S-ADENOSYLMETHIONINE
7 non-polymer TRIPHOSPHATE
8 water water
#
_entity_poly.entity_id   1
_entity_poly.type   'polypeptide(L)'
_entity_poly.pdbx_seq_one_letter_code
;MAHHHHHHMSEYLFTSESVSEGHPDKVADQVSDAILDAILAQDPKARVAAETLVNTGLCVLAGEITTTAQVDYIKVARET
IKRIGYNSSELGFDANGCAVGVYYDQQSPDIAQGVNEGEGIDLNQGAGDQGLMFGYACDETPTLMPFAIYYSHRLMQRQS
ELRKDGRLPWLRPDAKAQLTVVYDSETGKVKRIDTVVLSTQHDPAISQEELSKAVIEQIIKPVLPPELLTDETKYLINPT
GRFVIGGPQGDCGLTGRKIIVDTYGGAAPHGGGAFSGKDPSKVDRSAAYACRYVAKNIVAAGLATQCQIQVSYAIGVAEP
TSISIDTFGTGKISEEKLIALVCEHFDLRPKGIVQMLDLLRPIYGKSAAYGHFGREEPEFTWERTDKAASLKAAAGL
;
_entity_poly.pdbx_strand_id   A,B
#
loop_
_chem_comp.id
_chem_comp.type
_chem_comp.name
_chem_comp.formula
3PO non-polymer TRIPHOSPHATE 'H5 O10 P3'
AMP non-polymer 'ADENOSINE MONOPHOSPHATE' 'C10 H14 N5 O7 P'
MG non-polymer 'MAGNESIUM ION' 'Mg 2'
PO4 non-polymer 'PHOSPHATE ION' 'O4 P -3'
POP non-polymer 'PYROPHOSPHATE 2-' 'H2 O7 P2 -2'
SAM non-polymer S-ADENOSYLMETHIONINE 'C15 H22 N6 O5 S'
#
# COMPACT_ATOMS: atom_id res chain seq x y z
N SER A 10 6.01 -29.86 -6.54
CA SER A 10 7.44 -29.73 -6.28
C SER A 10 7.92 -28.31 -6.55
N GLU A 11 7.07 -27.49 -7.14
CA GLU A 11 7.45 -26.13 -7.48
C GLU A 11 6.23 -25.23 -7.47
N TYR A 12 6.47 -23.93 -7.29
CA TYR A 12 5.38 -22.97 -7.26
C TYR A 12 5.82 -21.69 -7.95
N LEU A 13 4.84 -20.87 -8.29
CA LEU A 13 5.08 -19.63 -9.01
C LEU A 13 5.01 -18.44 -8.07
N PHE A 14 5.74 -17.39 -8.41
CA PHE A 14 5.64 -16.13 -7.67
C PHE A 14 5.97 -14.96 -8.58
N THR A 15 5.19 -13.88 -8.45
CA THR A 15 5.27 -12.76 -9.37
C THR A 15 5.45 -11.44 -8.64
N SER A 16 6.30 -10.56 -9.18
CA SER A 16 6.43 -9.17 -8.74
C SER A 16 6.52 -8.27 -9.96
N GLU A 17 6.34 -6.96 -9.75
CA GLU A 17 6.41 -6.01 -10.84
C GLU A 17 7.20 -4.77 -10.41
N SER A 18 7.64 -3.99 -11.40
CA SER A 18 8.14 -2.64 -11.15
C SER A 18 7.68 -1.73 -12.27
N VAL A 19 7.91 -0.42 -12.07
CA VAL A 19 7.57 0.58 -13.08
C VAL A 19 8.73 1.55 -13.20
N SER A 20 8.77 2.26 -14.33
CA SER A 20 9.84 3.21 -14.56
C SER A 20 9.56 4.56 -13.86
N GLU A 21 10.58 5.42 -13.92
CA GLU A 21 10.44 6.77 -13.38
C GLU A 21 9.41 7.61 -14.12
N GLY A 22 9.00 7.19 -15.32
CA GLY A 22 7.97 7.90 -16.08
C GLY A 22 6.55 7.44 -15.84
N HIS A 23 6.36 6.39 -15.06
CA HIS A 23 5.01 5.98 -14.69
C HIS A 23 4.36 7.08 -13.86
N PRO A 24 3.09 7.39 -14.10
CA PRO A 24 2.51 8.58 -13.43
C PRO A 24 2.52 8.53 -11.91
N ASP A 25 2.28 7.36 -11.30
CA ASP A 25 2.39 7.29 -9.84
C ASP A 25 3.83 7.59 -9.40
N LYS A 26 4.81 7.07 -10.15
CA LYS A 26 6.19 7.34 -9.77
C LYS A 26 6.57 8.80 -10.03
N VAL A 27 5.98 9.45 -11.04
CA VAL A 27 6.21 10.89 -11.19
C VAL A 27 5.80 11.61 -9.92
N ALA A 28 4.63 11.25 -9.37
CA ALA A 28 4.16 11.89 -8.15
C ALA A 28 5.08 11.61 -6.97
N ASP A 29 5.53 10.36 -6.82
CA ASP A 29 6.48 10.07 -5.75
C ASP A 29 7.74 10.90 -5.89
N GLN A 30 8.26 11.03 -7.13
CA GLN A 30 9.52 11.74 -7.31
C GLN A 30 9.37 13.23 -7.08
N VAL A 31 8.24 13.81 -7.48
CA VAL A 31 7.97 15.22 -7.16
C VAL A 31 7.92 15.42 -5.65
N SER A 32 7.22 14.54 -4.93
CA SER A 32 7.15 14.64 -3.47
C SER A 32 8.54 14.58 -2.83
N ASP A 33 9.39 13.65 -3.27
CA ASP A 33 10.71 13.53 -2.65
C ASP A 33 11.70 14.59 -3.13
N ALA A 34 11.51 15.13 -4.35
CA ALA A 34 12.34 16.26 -4.77
C ALA A 34 12.06 17.48 -3.91
N ILE A 35 10.78 17.69 -3.58
CA ILE A 35 10.42 18.79 -2.69
C ILE A 35 10.98 18.54 -1.30
N LEU A 36 10.85 17.31 -0.79
CA LEU A 36 11.46 16.98 0.49
C LEU A 36 12.96 17.28 0.50
N ASP A 37 13.70 16.80 -0.52
CA ASP A 37 15.14 17.04 -0.57
C ASP A 37 15.45 18.53 -0.61
N ALA A 38 14.72 19.30 -1.42
CA ALA A 38 15.00 20.74 -1.51
C ALA A 38 14.84 21.41 -0.15
N ILE A 39 13.82 20.99 0.60
CA ILE A 39 13.59 21.53 1.95
C ILE A 39 14.72 21.10 2.90
N LEU A 40 15.04 19.81 2.94
CA LEU A 40 16.03 19.32 3.90
C LEU A 40 17.42 19.89 3.63
N ALA A 41 17.72 20.24 2.39
CA ALA A 41 19.02 20.85 2.09
C ALA A 41 19.19 22.18 2.82
N GLN A 42 18.08 22.87 3.09
CA GLN A 42 18.11 24.13 3.84
C GLN A 42 17.76 23.97 5.31
N ASP A 43 16.88 23.03 5.65
CA ASP A 43 16.33 22.89 7.00
C ASP A 43 16.29 21.41 7.34
N PRO A 44 17.35 20.87 7.93
CA PRO A 44 17.38 19.42 8.21
C PRO A 44 16.26 18.95 9.12
N LYS A 45 15.70 19.82 9.95
CA LYS A 45 14.66 19.45 10.90
C LYS A 45 13.26 19.70 10.40
N ALA A 46 13.09 20.00 9.10
CA ALA A 46 11.78 20.35 8.59
C ALA A 46 10.76 19.24 8.78
N ARG A 47 9.52 19.65 8.98
CA ARG A 47 8.38 18.73 9.02
C ARG A 47 7.72 18.78 7.65
N VAL A 48 7.73 17.65 6.94
CA VAL A 48 7.28 17.60 5.56
C VAL A 48 6.35 16.41 5.39
N ALA A 49 5.16 16.66 4.81
CA ALA A 49 4.18 15.64 4.48
C ALA A 49 3.60 16.02 3.12
N ALA A 50 4.40 15.86 2.07
CA ALA A 50 4.13 16.45 0.75
C ALA A 50 3.50 15.41 -0.17
N GLU A 51 2.19 15.57 -0.45
CA GLU A 51 1.44 14.69 -1.32
C GLU A 51 1.28 15.34 -2.68
N THR A 52 1.35 14.53 -3.74
CA THR A 52 1.31 15.04 -5.11
C THR A 52 0.28 14.26 -5.91
N LEU A 53 -0.48 14.96 -6.75
CA LEU A 53 -1.36 14.33 -7.72
C LEU A 53 -1.01 14.89 -9.08
N VAL A 54 -0.81 14.01 -10.08
CA VAL A 54 -0.56 14.47 -11.44
C VAL A 54 -1.63 13.91 -12.36
N ASN A 55 -1.97 14.70 -13.37
CA ASN A 55 -2.99 14.34 -14.35
C ASN A 55 -2.70 15.19 -15.59
N THR A 56 -3.59 15.14 -16.57
CA THR A 56 -3.44 15.97 -17.77
C THR A 56 -3.15 17.42 -17.41
N GLY A 57 -1.95 17.89 -17.77
CA GLY A 57 -1.59 19.28 -17.51
C GLY A 57 -1.57 19.71 -16.06
N LEU A 58 -1.50 18.77 -15.11
CA LEU A 58 -1.83 19.08 -13.72
C LEU A 58 -0.81 18.48 -12.76
N CYS A 59 -0.36 19.30 -11.80
CA CYS A 59 0.46 18.82 -10.69
C CYS A 59 -0.04 19.55 -9.44
N VAL A 60 -0.83 18.86 -8.62
CA VAL A 60 -1.35 19.41 -7.38
C VAL A 60 -0.41 19.03 -6.26
N LEU A 61 0.04 20.03 -5.49
CA LEU A 61 0.92 19.83 -4.34
C LEU A 61 0.13 20.17 -3.10
N ALA A 62 -0.10 19.17 -2.23
CA ALA A 62 -0.92 19.38 -1.03
C ALA A 62 -0.28 18.62 0.14
N GLY A 63 -0.86 18.78 1.32
CA GLY A 63 -0.24 18.21 2.51
C GLY A 63 0.19 19.30 3.47
N GLU A 64 1.13 18.95 4.35
CA GLU A 64 1.49 19.80 5.48
C GLU A 64 3.00 19.95 5.59
N ILE A 65 3.48 21.19 5.59
CA ILE A 65 4.91 21.49 5.67
C ILE A 65 5.13 22.62 6.66
N THR A 66 6.03 22.41 7.62
CA THR A 66 6.48 23.47 8.53
C THR A 66 8.00 23.48 8.47
N THR A 67 8.56 24.58 7.96
CA THR A 67 10.01 24.65 7.73
C THR A 67 10.45 26.10 7.68
N THR A 68 11.73 26.32 7.97
CA THR A 68 12.38 27.60 7.69
C THR A 68 12.92 27.68 6.28
N ALA A 69 12.92 26.58 5.53
CA ALA A 69 13.45 26.58 4.18
C ALA A 69 12.62 27.49 3.29
N GLN A 70 13.27 28.09 2.30
CA GLN A 70 12.60 28.91 1.29
CA GLN A 70 12.61 28.92 1.30
C GLN A 70 12.80 28.23 -0.05
N VAL A 71 11.81 27.42 -0.44
CA VAL A 71 11.89 26.58 -1.64
C VAL A 71 10.81 27.03 -2.61
N ASP A 72 11.19 27.18 -3.89
CA ASP A 72 10.22 27.47 -4.94
C ASP A 72 9.62 26.13 -5.36
N TYR A 73 8.50 25.76 -4.74
CA TYR A 73 7.92 24.43 -4.96
C TYR A 73 7.52 24.23 -6.41
N ILE A 74 6.99 25.27 -7.04
CA ILE A 74 6.56 25.16 -8.44
C ILE A 74 7.76 24.87 -9.33
N LYS A 75 8.85 25.62 -9.15
CA LYS A 75 10.05 25.38 -9.96
C LYS A 75 10.61 23.97 -9.72
N VAL A 76 10.67 23.55 -8.46
CA VAL A 76 11.20 22.21 -8.16
C VAL A 76 10.35 21.12 -8.82
N ALA A 77 9.02 21.25 -8.76
CA ALA A 77 8.16 20.27 -9.41
C ALA A 77 8.41 20.23 -10.92
N ARG A 78 8.47 21.40 -11.56
CA ARG A 78 8.65 21.39 -13.01
CA ARG A 78 8.68 21.41 -13.01
C ARG A 78 10.02 20.81 -13.38
N GLU A 79 11.06 21.17 -12.63
CA GLU A 79 12.40 20.65 -12.94
CA GLU A 79 12.38 20.64 -12.98
C GLU A 79 12.43 19.13 -12.80
N THR A 80 11.71 18.60 -11.81
CA THR A 80 11.66 17.16 -11.60
C THR A 80 10.95 16.46 -12.76
N ILE A 81 9.81 17.00 -13.19
CA ILE A 81 9.08 16.46 -14.34
C ILE A 81 9.95 16.52 -15.59
N LYS A 82 10.70 17.61 -15.78
CA LYS A 82 11.59 17.69 -16.95
C LYS A 82 12.69 16.65 -16.89
N ARG A 83 13.30 16.46 -15.72
CA ARG A 83 14.42 15.52 -15.61
C ARG A 83 13.96 14.09 -15.87
N ILE A 84 12.71 13.78 -15.53
CA ILE A 84 12.15 12.46 -15.80
C ILE A 84 12.04 12.21 -17.30
N GLY A 85 11.87 13.26 -18.10
CA GLY A 85 11.78 13.12 -19.54
C GLY A 85 10.57 13.79 -20.18
N TYR A 86 9.70 14.39 -19.35
CA TYR A 86 8.48 15.01 -19.84
C TYR A 86 8.77 16.49 -20.11
N ASN A 87 9.50 16.72 -21.20
CA ASN A 87 9.97 18.06 -21.54
C ASN A 87 9.78 18.39 -23.02
N SER A 88 8.92 17.68 -23.73
CA SER A 88 8.74 17.92 -25.15
C SER A 88 7.28 17.83 -25.52
N SER A 89 6.88 18.65 -26.50
CA SER A 89 5.48 18.76 -26.84
C SER A 89 4.89 17.45 -27.36
N GLU A 90 5.72 16.55 -27.91
CA GLU A 90 5.22 15.33 -28.51
C GLU A 90 4.60 14.38 -27.49
N LEU A 91 4.97 14.49 -26.21
CA LEU A 91 4.50 13.57 -25.19
C LEU A 91 3.16 13.96 -24.57
N GLY A 92 2.60 15.11 -24.95
CA GLY A 92 1.36 15.54 -24.34
C GLY A 92 1.58 16.21 -23.00
N PHE A 93 2.02 15.43 -22.00
CA PHE A 93 2.36 15.94 -20.68
C PHE A 93 3.78 16.52 -20.72
N ASP A 94 3.89 17.82 -20.48
CA ASP A 94 5.12 18.58 -20.67
C ASP A 94 5.23 19.52 -19.50
N ALA A 95 6.37 19.49 -18.80
CA ALA A 95 6.55 20.38 -17.65
C ALA A 95 6.24 21.83 -18.03
N ASN A 96 6.71 22.25 -19.20
CA ASN A 96 6.48 23.63 -19.64
CA ASN A 96 6.48 23.63 -19.64
C ASN A 96 5.00 23.95 -19.82
N GLY A 97 4.15 22.94 -20.00
CA GLY A 97 2.74 23.19 -20.23
C GLY A 97 1.85 22.59 -19.16
N CYS A 98 2.37 22.45 -17.95
CA CYS A 98 1.68 21.84 -16.83
CA CYS A 98 1.57 21.89 -16.89
C CYS A 98 1.38 22.91 -15.78
N ALA A 99 0.15 22.93 -15.27
CA ALA A 99 -0.20 23.80 -14.16
C ALA A 99 0.27 23.16 -12.86
N VAL A 100 1.10 23.86 -12.09
CA VAL A 100 1.49 23.40 -10.74
C VAL A 100 0.78 24.29 -9.73
N GLY A 101 -0.02 23.67 -8.87
CA GLY A 101 -0.73 24.44 -7.85
C GLY A 101 -0.32 24.02 -6.46
N VAL A 102 0.04 25.00 -5.62
CA VAL A 102 0.55 24.76 -4.28
C VAL A 102 -0.58 25.00 -3.27
N TYR A 103 -0.90 23.99 -2.45
CA TYR A 103 -1.99 24.06 -1.49
C TYR A 103 -1.57 23.73 -0.06
N TYR A 104 -0.27 23.69 0.22
CA TYR A 104 0.20 23.17 1.51
C TYR A 104 -0.38 23.91 2.70
N ASP A 105 -0.66 23.17 3.77
CA ASP A 105 -0.91 23.69 5.11
C ASP A 105 0.39 23.66 5.91
N GLN A 106 0.34 24.27 7.11
CA GLN A 106 1.35 23.97 8.13
C GLN A 106 1.03 22.63 8.80
N GLN A 107 2.04 22.06 9.46
CA GLN A 107 1.78 20.88 10.28
C GLN A 107 0.84 21.24 11.42
N SER A 108 -0.12 20.37 11.68
CA SER A 108 -1.03 20.57 12.82
C SER A 108 -0.25 20.68 14.12
N PRO A 109 -0.52 21.69 14.94
CA PRO A 109 0.15 21.76 16.26
C PRO A 109 -0.24 20.64 17.19
N ASP A 110 -1.44 20.04 16.99
CA ASP A 110 -1.84 18.93 17.84
C ASP A 110 -0.98 17.71 17.58
N ILE A 111 -0.50 17.55 16.34
CA ILE A 111 0.46 16.49 16.02
C ILE A 111 1.85 16.88 16.51
N ALA A 112 2.27 18.11 16.22
CA ALA A 112 3.63 18.55 16.54
C ALA A 112 3.94 18.41 18.03
N GLN A 113 2.96 18.68 18.90
CA GLN A 113 3.24 18.60 20.34
C GLN A 113 3.50 17.17 20.79
N GLY A 114 3.11 16.17 20.00
CA GLY A 114 3.45 14.79 20.30
C GLY A 114 4.82 14.41 19.77
N VAL A 115 5.20 14.99 18.63
CA VAL A 115 6.47 14.65 17.99
C VAL A 115 7.62 15.43 18.61
N ASN A 116 7.43 16.72 18.90
CA ASN A 116 8.49 17.55 19.43
C ASN A 116 9.06 16.97 20.72
N GLU A 117 10.38 17.05 20.88
CA GLU A 117 10.99 16.76 22.18
C GLU A 117 10.55 17.78 23.22
N GLY A 118 10.57 17.38 24.48
CA GLY A 118 10.15 18.25 25.55
C GLY A 118 8.67 18.52 25.62
N GLU A 119 7.86 17.88 24.78
CA GLU A 119 6.42 18.04 24.81
C GLU A 119 5.68 16.71 24.74
N GLY A 120 6.38 15.59 24.75
CA GLY A 120 5.72 14.32 24.60
C GLY A 120 5.15 13.75 25.89
N ILE A 121 4.35 12.72 25.73
CA ILE A 121 3.95 11.90 26.88
C ILE A 121 5.18 11.36 27.58
N ASP A 122 6.26 11.13 26.83
CA ASP A 122 7.55 10.75 27.38
C ASP A 122 8.60 11.84 27.20
N LEU A 123 8.23 12.99 26.65
CA LEU A 123 9.13 14.12 26.43
C LEU A 123 10.27 13.79 25.46
N ASN A 124 10.33 12.54 24.98
CA ASN A 124 11.19 12.19 23.87
C ASN A 124 10.52 12.60 22.56
N GLN A 125 11.26 12.47 21.46
CA GLN A 125 10.62 12.59 20.16
C GLN A 125 9.65 11.44 19.99
N GLY A 126 8.36 11.77 19.85
CA GLY A 126 7.35 10.76 19.64
C GLY A 126 7.18 10.42 18.16
N ALA A 127 6.71 9.20 17.91
CA ALA A 127 6.44 8.79 16.54
C ALA A 127 5.49 9.77 15.86
N GLY A 128 5.69 9.99 14.55
CA GLY A 128 4.83 10.91 13.83
C GLY A 128 3.40 10.44 13.62
N ASP A 129 3.10 9.18 13.90
CA ASP A 129 1.79 8.60 13.65
C ASP A 129 1.79 7.23 14.33
N GLN A 130 0.59 6.67 14.51
CA GLN A 130 0.55 5.23 14.75
C GLN A 130 0.82 4.50 13.44
N GLY A 131 0.98 3.18 13.53
CA GLY A 131 1.13 2.41 12.30
C GLY A 131 2.04 1.22 12.51
N LEU A 132 2.04 0.34 11.51
CA LEU A 132 2.84 -0.88 11.53
C LEU A 132 3.74 -0.87 10.30
N MET A 133 4.90 -1.52 10.43
CA MET A 133 5.91 -1.54 9.37
C MET A 133 6.60 -2.89 9.35
N PHE A 134 6.92 -3.38 8.15
CA PHE A 134 7.66 -4.62 8.00
C PHE A 134 9.00 -4.38 7.33
N GLY A 135 9.99 -5.18 7.74
CA GLY A 135 11.25 -5.29 7.03
C GLY A 135 11.55 -6.71 6.64
N TYR A 136 12.38 -6.91 5.62
CA TYR A 136 12.63 -8.25 5.11
C TYR A 136 14.00 -8.30 4.45
N ALA A 137 14.64 -9.47 4.54
CA ALA A 137 15.86 -9.76 3.79
C ALA A 137 15.95 -11.27 3.60
N CYS A 138 16.63 -11.68 2.53
CA CYS A 138 16.82 -13.11 2.28
C CYS A 138 18.08 -13.28 1.43
N ASP A 139 18.47 -14.53 1.19
CA ASP A 139 19.73 -14.79 0.51
C ASP A 139 19.58 -15.02 -1.00
N GLU A 140 18.49 -14.55 -1.62
CA GLU A 140 18.21 -14.87 -3.01
C GLU A 140 19.02 -14.06 -4.01
N THR A 141 19.54 -12.90 -3.63
CA THR A 141 20.21 -11.98 -4.55
C THR A 141 21.40 -11.34 -3.84
N PRO A 142 22.32 -10.73 -4.60
CA PRO A 142 23.55 -10.20 -3.96
C PRO A 142 23.29 -9.14 -2.90
N THR A 143 22.23 -8.34 -3.04
CA THR A 143 21.90 -7.32 -2.06
C THR A 143 20.85 -7.81 -1.07
N LEU A 144 20.63 -9.13 -1.00
CA LEU A 144 19.80 -9.77 0.02
C LEU A 144 18.32 -9.38 -0.11
N MET A 145 17.86 -9.28 -1.35
CA MET A 145 16.48 -9.01 -1.72
C MET A 145 15.79 -10.24 -2.30
N PRO A 146 14.47 -10.31 -2.20
CA PRO A 146 13.72 -11.31 -2.98
C PRO A 146 13.99 -11.13 -4.48
N PHE A 147 14.05 -12.27 -5.18
CA PHE A 147 14.48 -12.31 -6.58
C PHE A 147 13.60 -11.45 -7.48
N ALA A 148 12.27 -11.66 -7.44
CA ALA A 148 11.44 -11.10 -8.49
C ALA A 148 11.41 -9.57 -8.45
N ILE A 149 11.38 -8.97 -7.26
CA ILE A 149 11.35 -7.50 -7.22
C ILE A 149 12.72 -6.94 -7.58
N TYR A 150 13.80 -7.60 -7.13
CA TYR A 150 15.15 -7.13 -7.45
C TYR A 150 15.36 -7.03 -8.95
N TYR A 151 14.99 -8.08 -9.70
CA TYR A 151 15.24 -8.01 -11.14
C TYR A 151 14.16 -7.22 -11.89
N SER A 152 12.93 -7.14 -11.37
CA SER A 152 11.94 -6.25 -11.99
C SER A 152 12.41 -4.80 -11.94
N HIS A 153 12.92 -4.34 -10.78
CA HIS A 153 13.48 -2.99 -10.71
C HIS A 153 14.59 -2.80 -11.73
N ARG A 154 15.48 -3.79 -11.85
CA ARG A 154 16.63 -3.62 -12.73
C ARG A 154 16.22 -3.57 -14.19
N LEU A 155 15.13 -4.26 -14.56
CA LEU A 155 14.62 -4.13 -15.94
C LEU A 155 14.18 -2.69 -16.22
N MET A 156 13.52 -2.07 -15.24
CA MET A 156 13.05 -0.70 -15.42
C MET A 156 14.20 0.30 -15.37
N GLN A 157 15.19 0.08 -14.50
CA GLN A 157 16.38 0.94 -14.51
C GLN A 157 17.10 0.87 -15.85
N ARG A 158 17.17 -0.34 -16.42
CA ARG A 158 17.85 -0.51 -17.70
C ARG A 158 17.11 0.21 -18.83
N GLN A 159 15.77 0.14 -18.82
CA GLN A 159 14.98 0.88 -19.80
C GLN A 159 15.30 2.36 -19.71
N SER A 160 15.39 2.90 -18.49
CA SER A 160 15.62 4.32 -18.34
CA SER A 160 15.62 4.33 -18.34
C SER A 160 17.06 4.69 -18.71
N GLU A 161 18.02 3.81 -18.42
CA GLU A 161 19.41 4.06 -18.76
C GLU A 161 19.58 4.26 -20.26
N LEU A 162 19.02 3.33 -21.04
CA LEU A 162 19.15 3.37 -22.49
C LEU A 162 18.40 4.55 -23.09
N ARG A 163 17.29 4.94 -22.47
CA ARG A 163 16.55 6.11 -22.94
C ARG A 163 17.35 7.38 -22.71
N LYS A 164 17.86 7.55 -21.49
CA LYS A 164 18.42 8.85 -21.10
C LYS A 164 19.77 9.14 -21.76
N ASP A 165 20.55 8.12 -22.14
CA ASP A 165 21.78 8.41 -22.86
C ASP A 165 21.63 8.24 -24.37
N GLY A 166 20.40 8.00 -24.85
CA GLY A 166 20.13 8.00 -26.27
C GLY A 166 20.52 6.76 -27.03
N ARG A 167 20.95 5.69 -26.36
CA ARG A 167 21.31 4.49 -27.11
C ARG A 167 20.10 3.85 -27.77
N LEU A 168 18.91 3.98 -27.17
CA LEU A 168 17.65 3.64 -27.81
C LEU A 168 16.81 4.91 -27.80
N PRO A 169 16.99 5.78 -28.79
CA PRO A 169 16.43 7.13 -28.69
C PRO A 169 14.92 7.17 -28.85
N TRP A 170 14.31 6.09 -29.35
CA TRP A 170 12.86 6.04 -29.50
C TRP A 170 12.14 5.64 -28.21
N LEU A 171 12.86 5.29 -27.15
CA LEU A 171 12.19 5.01 -25.89
C LEU A 171 11.58 6.28 -25.33
N ARG A 172 10.40 6.13 -24.69
CA ARG A 172 9.75 7.24 -24.00
C ARG A 172 9.67 6.91 -22.51
N PRO A 173 9.25 7.85 -21.64
CA PRO A 173 9.51 7.67 -20.19
C PRO A 173 8.73 6.55 -19.51
N ASP A 174 7.49 6.27 -19.91
CA ASP A 174 6.60 5.38 -19.16
C ASP A 174 6.89 3.92 -19.51
N ALA A 175 7.02 3.05 -18.51
CA ALA A 175 7.23 1.62 -18.77
C ALA A 175 6.87 0.82 -17.51
N LYS A 176 6.64 -0.48 -17.72
CA LYS A 176 6.35 -1.41 -16.64
C LYS A 176 7.01 -2.76 -16.92
N ALA A 177 7.30 -3.52 -15.88
CA ALA A 177 7.88 -4.84 -16.03
C ALA A 177 7.26 -5.78 -15.01
N GLN A 178 7.15 -7.05 -15.37
CA GLN A 178 6.63 -8.04 -14.43
C GLN A 178 7.35 -9.35 -14.62
N LEU A 179 7.78 -9.98 -13.52
CA LEU A 179 8.49 -11.25 -13.57
C LEU A 179 7.72 -12.32 -12.79
N THR A 180 7.44 -13.44 -13.43
CA THR A 180 6.92 -14.63 -12.78
C THR A 180 8.06 -15.64 -12.71
N VAL A 181 8.43 -16.04 -11.49
CA VAL A 181 9.56 -16.91 -11.23
CA VAL A 181 9.55 -16.94 -11.31
C VAL A 181 9.05 -18.24 -10.69
N VAL A 182 9.82 -19.31 -10.94
CA VAL A 182 9.52 -20.65 -10.44
C VAL A 182 10.45 -20.95 -9.27
N TYR A 183 9.87 -21.34 -8.14
CA TYR A 183 10.62 -21.72 -6.95
C TYR A 183 10.50 -23.21 -6.69
N ASP A 184 11.52 -23.78 -6.07
CA ASP A 184 11.48 -25.17 -5.62
C ASP A 184 10.69 -25.25 -4.32
N SER A 185 9.65 -26.08 -4.28
CA SER A 185 8.79 -26.16 -3.11
C SER A 185 9.56 -26.61 -1.88
N GLU A 186 10.52 -27.52 -2.07
CA GLU A 186 11.26 -28.05 -0.92
C GLU A 186 12.37 -27.08 -0.48
N THR A 187 13.20 -26.63 -1.43
CA THR A 187 14.38 -25.85 -1.08
C THR A 187 14.12 -24.35 -1.07
N GLY A 188 12.99 -23.89 -1.60
CA GLY A 188 12.73 -22.46 -1.67
C GLY A 188 13.63 -21.70 -2.60
N LYS A 189 14.32 -22.40 -3.49
CA LYS A 189 15.30 -21.77 -4.37
C LYS A 189 14.73 -21.52 -5.76
N VAL A 190 15.18 -20.43 -6.37
CA VAL A 190 14.73 -20.07 -7.71
C VAL A 190 15.20 -21.12 -8.71
N LYS A 191 14.27 -21.63 -9.51
CA LYS A 191 14.60 -22.63 -10.52
C LYS A 191 14.76 -22.04 -11.91
N ARG A 192 13.87 -21.15 -12.33
CA ARG A 192 13.88 -20.57 -13.66
C ARG A 192 12.89 -19.41 -13.67
N ILE A 193 12.95 -18.61 -14.72
CA ILE A 193 12.02 -17.52 -14.95
C ILE A 193 10.94 -18.01 -15.90
N ASP A 194 9.67 -17.89 -15.47
CA ASP A 194 8.58 -18.44 -16.26
C ASP A 194 8.07 -17.46 -17.31
N THR A 195 7.86 -16.20 -16.90
CA THR A 195 7.28 -15.18 -17.76
C THR A 195 7.95 -13.85 -17.50
N VAL A 196 8.33 -13.15 -18.57
CA VAL A 196 8.80 -11.77 -18.51
C VAL A 196 7.78 -10.91 -19.27
N VAL A 197 7.16 -9.95 -18.56
CA VAL A 197 6.34 -8.92 -19.20
C VAL A 197 7.14 -7.63 -19.20
N LEU A 198 7.21 -6.98 -20.36
CA LEU A 198 7.89 -5.69 -20.44
C LEU A 198 7.11 -4.81 -21.41
N SER A 199 6.54 -3.72 -20.90
CA SER A 199 5.82 -2.76 -21.72
C SER A 199 6.56 -1.43 -21.66
N THR A 200 6.86 -0.85 -22.82
CA THR A 200 7.52 0.45 -22.83
C THR A 200 6.88 1.40 -23.81
N GLN A 201 6.75 2.66 -23.36
CA GLN A 201 6.33 3.75 -24.23
C GLN A 201 7.41 4.01 -25.28
N HIS A 202 6.98 4.47 -26.46
CA HIS A 202 7.93 4.60 -27.58
C HIS A 202 7.42 5.60 -28.61
N ASP A 203 8.37 6.15 -29.37
CA ASP A 203 8.03 6.98 -30.52
C ASP A 203 7.18 6.19 -31.51
N PRO A 204 6.20 6.81 -32.15
CA PRO A 204 5.32 6.06 -33.06
C PRO A 204 6.02 5.51 -34.31
N ALA A 205 7.22 5.98 -34.65
CA ALA A 205 7.85 5.56 -35.89
C ALA A 205 8.44 4.16 -35.83
N ILE A 206 8.68 3.60 -34.64
CA ILE A 206 9.29 2.27 -34.56
C ILE A 206 8.19 1.21 -34.61
N SER A 207 8.44 0.15 -35.38
CA SER A 207 7.51 -0.96 -35.46
C SER A 207 7.57 -1.81 -34.20
N GLN A 208 6.47 -2.54 -33.93
CA GLN A 208 6.47 -3.43 -32.76
C GLN A 208 7.51 -4.55 -32.91
N GLU A 209 7.77 -4.99 -34.13
CA GLU A 209 8.77 -6.04 -34.33
C GLU A 209 10.16 -5.52 -34.00
N GLU A 210 10.50 -4.32 -34.48
CA GLU A 210 11.78 -3.69 -34.13
C GLU A 210 11.88 -3.47 -32.64
N LEU A 211 10.79 -2.99 -32.02
CA LEU A 211 10.80 -2.74 -30.58
C LEU A 211 11.06 -4.03 -29.82
N SER A 212 10.39 -5.13 -30.20
CA SER A 212 10.54 -6.36 -29.44
C SER A 212 11.96 -6.89 -29.54
N LYS A 213 12.55 -6.84 -30.73
CA LYS A 213 13.94 -7.28 -30.91
C LYS A 213 14.89 -6.49 -30.04
N ALA A 214 14.72 -5.17 -29.99
CA ALA A 214 15.63 -4.34 -29.19
C ALA A 214 15.40 -4.54 -27.70
N VAL A 215 14.13 -4.68 -27.28
CA VAL A 215 13.85 -4.90 -25.87
C VAL A 215 14.50 -6.19 -25.39
N ILE A 216 14.41 -7.25 -26.20
CA ILE A 216 15.04 -8.53 -25.84
C ILE A 216 16.56 -8.38 -25.78
N GLU A 217 17.17 -7.85 -26.84
CA GLU A 217 18.62 -7.74 -26.92
C GLU A 217 19.20 -6.78 -25.87
N GLN A 218 18.54 -5.63 -25.66
CA GLN A 218 19.16 -4.57 -24.89
C GLN A 218 18.62 -4.41 -23.48
N ILE A 219 17.40 -4.88 -23.19
CA ILE A 219 16.80 -4.71 -21.86
C ILE A 219 16.68 -6.04 -21.12
N ILE A 220 16.03 -7.03 -21.74
CA ILE A 220 15.74 -8.28 -21.01
C ILE A 220 16.98 -9.14 -20.86
N LYS A 221 17.62 -9.51 -21.97
CA LYS A 221 18.80 -10.39 -21.87
C LYS A 221 19.93 -9.80 -21.03
N PRO A 222 20.27 -8.52 -21.11
CA PRO A 222 21.39 -8.03 -20.29
C PRO A 222 21.08 -7.94 -18.81
N VAL A 223 19.81 -7.98 -18.39
CA VAL A 223 19.47 -7.80 -16.98
C VAL A 223 19.26 -9.14 -16.28
N LEU A 224 18.57 -10.11 -16.96
CA LEU A 224 18.21 -11.34 -16.24
C LEU A 224 19.32 -12.38 -16.32
N PRO A 225 19.46 -13.23 -15.31
CA PRO A 225 20.51 -14.26 -15.36
C PRO A 225 20.29 -15.22 -16.51
N PRO A 226 21.30 -15.40 -17.37
CA PRO A 226 21.12 -16.30 -18.53
C PRO A 226 20.71 -17.72 -18.15
N GLU A 227 21.23 -18.25 -17.03
CA GLU A 227 20.91 -19.63 -16.70
C GLU A 227 19.44 -19.83 -16.33
N LEU A 228 18.70 -18.76 -16.06
CA LEU A 228 17.31 -18.85 -15.67
C LEU A 228 16.35 -18.58 -16.82
N LEU A 229 16.85 -18.22 -17.99
CA LEU A 229 16.04 -18.08 -19.19
C LEU A 229 16.16 -19.36 -20.00
N THR A 230 15.04 -20.03 -20.24
CA THR A 230 15.06 -21.34 -20.87
C THR A 230 14.12 -21.34 -22.06
N ASP A 231 14.04 -22.48 -22.74
CA ASP A 231 13.10 -22.61 -23.85
CA ASP A 231 13.10 -22.60 -23.85
C ASP A 231 11.65 -22.49 -23.39
N GLU A 232 11.40 -22.70 -22.09
CA GLU A 232 10.05 -22.55 -21.53
C GLU A 232 9.71 -21.12 -21.14
N THR A 233 10.66 -20.18 -21.17
CA THR A 233 10.36 -18.82 -20.74
C THR A 233 9.49 -18.10 -21.76
N LYS A 234 8.42 -17.47 -21.28
CA LYS A 234 7.49 -16.72 -22.11
C LYS A 234 7.82 -15.24 -22.02
N TYR A 235 7.93 -14.57 -23.17
CA TYR A 235 8.24 -13.15 -23.23
C TYR A 235 7.03 -12.41 -23.79
N LEU A 236 6.51 -11.48 -23.01
CA LEU A 236 5.32 -10.71 -23.39
C LEU A 236 5.75 -9.25 -23.45
N ILE A 237 6.08 -8.77 -24.64
CA ILE A 237 6.62 -7.42 -24.84
C ILE A 237 5.56 -6.58 -25.53
N ASN A 238 5.20 -5.45 -24.92
CA ASN A 238 4.07 -4.61 -25.34
C ASN A 238 2.89 -5.48 -25.77
N PRO A 239 2.33 -6.28 -24.86
CA PRO A 239 1.37 -7.30 -25.28
C PRO A 239 0.03 -6.77 -25.79
N THR A 240 -0.28 -5.49 -25.62
CA THR A 240 -1.44 -4.93 -26.29
C THR A 240 -1.06 -4.03 -27.46
N GLY A 241 0.16 -4.16 -27.98
CA GLY A 241 0.58 -3.38 -29.12
C GLY A 241 1.14 -2.03 -28.75
N ARG A 242 0.94 -1.07 -29.64
CA ARG A 242 1.48 0.29 -29.51
C ARG A 242 1.28 0.88 -28.14
N PHE A 243 2.29 1.63 -27.68
CA PHE A 243 2.29 2.30 -26.39
C PHE A 243 2.95 3.65 -26.67
N VAL A 244 2.19 4.57 -27.25
CA VAL A 244 2.74 5.85 -27.71
C VAL A 244 2.54 6.96 -26.68
N ILE A 245 1.33 7.06 -26.12
CA ILE A 245 1.04 8.05 -25.08
C ILE A 245 1.14 7.38 -23.73
N GLY A 246 1.69 8.10 -22.75
CA GLY A 246 1.83 7.55 -21.43
C GLY A 246 2.02 8.66 -20.42
N GLY A 247 2.48 8.28 -19.24
CA GLY A 247 2.63 9.23 -18.16
C GLY A 247 1.30 9.82 -17.74
N PRO A 248 1.34 11.02 -17.14
CA PRO A 248 0.09 11.63 -16.67
C PRO A 248 -0.80 12.16 -17.78
N GLN A 249 -0.36 12.15 -19.04
N GLN A 249 -0.45 12.04 -19.06
CA GLN A 249 -1.31 12.36 -20.12
CA GLN A 249 -1.34 12.47 -20.13
C GLN A 249 -2.25 11.16 -20.22
C GLN A 249 -2.54 11.53 -20.19
N GLY A 250 -1.71 9.96 -19.99
N GLY A 250 -3.70 12.00 -19.73
CA GLY A 250 -2.46 8.72 -20.08
CA GLY A 250 -4.90 11.18 -19.77
C GLY A 250 -3.29 8.37 -18.88
C GLY A 250 -4.91 10.06 -18.76
N ASP A 251 -2.73 8.43 -17.66
N ASP A 251 -4.06 10.14 -17.74
CA ASP A 251 -3.56 8.24 -16.48
CA ASP A 251 -4.00 9.18 -16.66
C ASP A 251 -2.97 8.96 -15.27
C ASP A 251 -3.68 9.95 -15.39
N CYS A 252 -3.83 9.12 -14.27
N CYS A 252 -3.90 9.29 -14.25
CA CYS A 252 -3.57 9.95 -13.10
CA CYS A 252 -3.63 9.91 -12.95
C CYS A 252 -2.59 9.24 -12.16
C CYS A 252 -2.47 9.21 -12.26
N GLY A 253 -1.65 10.00 -11.60
CA GLY A 253 -0.67 9.46 -10.67
C GLY A 253 -0.80 10.16 -9.32
N LEU A 254 -0.55 9.40 -8.24
CA LEU A 254 -0.64 9.95 -6.88
C LEU A 254 0.51 9.42 -6.05
N THR A 255 0.99 10.24 -5.12
CA THR A 255 2.01 9.78 -4.18
C THR A 255 1.52 8.53 -3.43
N GLY A 256 2.43 7.56 -3.24
CA GLY A 256 2.12 6.45 -2.37
C GLY A 256 1.19 5.40 -2.93
N ARG A 257 1.13 5.27 -4.25
CA ARG A 257 0.30 4.28 -4.93
C ARG A 257 1.17 3.17 -5.56
N LYS A 258 2.44 3.11 -5.15
CA LYS A 258 3.34 2.05 -5.58
C LYS A 258 4.11 1.50 -4.40
N ILE A 259 3.42 1.31 -3.25
CA ILE A 259 4.15 0.96 -2.03
C ILE A 259 4.67 -0.46 -2.07
N ILE A 260 4.07 -1.35 -2.86
CA ILE A 260 4.60 -2.71 -2.96
C ILE A 260 5.82 -2.76 -3.89
N VAL A 261 5.75 -2.02 -5.01
CA VAL A 261 6.93 -1.80 -5.85
C VAL A 261 8.07 -1.18 -5.06
N ASP A 262 7.75 -0.24 -4.17
CA ASP A 262 8.76 0.48 -3.40
C ASP A 262 9.50 -0.39 -2.41
N THR A 263 8.95 -1.57 -2.06
CA THR A 263 9.47 -2.37 -0.97
C THR A 263 9.90 -3.73 -1.49
N TYR A 264 9.07 -4.77 -1.34
CA TYR A 264 9.54 -6.14 -1.56
C TYR A 264 8.72 -6.88 -2.61
N GLY A 265 7.87 -6.17 -3.35
CA GLY A 265 7.14 -6.81 -4.44
C GLY A 265 6.18 -7.89 -4.00
N GLY A 266 5.68 -7.82 -2.77
CA GLY A 266 4.77 -8.83 -2.26
C GLY A 266 5.42 -10.05 -1.67
N ALA A 267 6.74 -10.11 -1.64
CA ALA A 267 7.43 -11.24 -1.02
C ALA A 267 7.40 -11.16 0.50
N ALA A 268 6.93 -10.04 1.04
CA ALA A 268 6.71 -9.85 2.46
C ALA A 268 5.45 -9.01 2.60
N PRO A 269 4.74 -9.13 3.72
CA PRO A 269 3.59 -8.23 3.95
C PRO A 269 4.04 -6.80 4.07
N HIS A 270 3.06 -5.89 3.99
CA HIS A 270 3.28 -4.45 4.07
C HIS A 270 2.33 -3.90 5.12
N GLY A 271 2.79 -2.89 5.85
CA GLY A 271 1.99 -2.28 6.89
C GLY A 271 1.08 -1.16 6.40
N GLY A 272 1.29 -0.68 5.18
CA GLY A 272 0.40 0.27 4.55
C GLY A 272 0.96 1.66 4.35
N GLY A 273 2.09 2.00 4.99
CA GLY A 273 2.58 3.36 4.96
C GLY A 273 3.41 3.67 3.71
N ALA A 274 3.13 4.81 3.10
CA ALA A 274 3.91 5.30 1.97
C ALA A 274 5.17 5.99 2.48
N PHE A 275 6.14 6.14 1.58
CA PHE A 275 7.42 6.74 1.92
C PHE A 275 7.57 8.17 1.42
N SER A 276 7.26 8.42 0.14
CA SER A 276 7.76 9.65 -0.48
C SER A 276 7.00 10.88 0.03
N GLY A 277 7.73 11.98 0.12
CA GLY A 277 7.23 13.25 0.62
C GLY A 277 7.25 13.40 2.13
N LYS A 278 7.73 12.40 2.86
CA LYS A 278 7.68 12.39 4.32
C LYS A 278 9.07 12.55 4.91
N ASP A 279 9.22 13.51 5.83
CA ASP A 279 10.48 13.64 6.54
C ASP A 279 10.64 12.47 7.52
N PRO A 280 11.86 12.23 8.02
CA PRO A 280 12.11 11.02 8.82
C PRO A 280 11.42 10.97 10.18
N SER A 281 10.73 12.03 10.63
CA SER A 281 9.94 11.87 11.85
C SER A 281 8.68 11.06 11.61
N LYS A 282 8.34 10.80 10.36
CA LYS A 282 7.26 9.89 10.00
C LYS A 282 7.81 8.47 10.07
N VAL A 283 7.36 7.69 11.06
CA VAL A 283 7.89 6.33 11.19
C VAL A 283 7.48 5.44 10.02
N ASP A 284 6.45 5.79 9.24
CA ASP A 284 6.20 5.07 8.00
C ASP A 284 7.47 4.90 7.19
N ARG A 285 8.28 5.96 7.13
CA ARG A 285 9.54 5.92 6.39
C ARG A 285 10.69 5.46 7.26
N SER A 286 10.96 6.16 8.36
CA SER A 286 12.15 5.85 9.14
C SER A 286 12.12 4.42 9.69
N ALA A 287 10.97 3.97 10.20
CA ALA A 287 10.95 2.63 10.80
C ALA A 287 10.94 1.53 9.74
N ALA A 288 10.33 1.75 8.58
CA ALA A 288 10.46 0.76 7.53
C ALA A 288 11.91 0.61 7.09
N TYR A 289 12.62 1.75 6.98
CA TYR A 289 14.04 1.70 6.63
C TYR A 289 14.84 0.98 7.72
N ALA A 290 14.54 1.27 9.00
CA ALA A 290 15.24 0.59 10.08
C ALA A 290 14.97 -0.90 10.06
N CYS A 291 13.72 -1.30 9.77
CA CYS A 291 13.40 -2.73 9.72
C CYS A 291 14.14 -3.42 8.59
N ARG A 292 14.29 -2.76 7.43
CA ARG A 292 15.13 -3.32 6.38
C ARG A 292 16.57 -3.47 6.84
N TYR A 293 17.09 -2.43 7.50
CA TYR A 293 18.45 -2.46 8.03
C TYR A 293 18.67 -3.62 8.99
N VAL A 294 17.73 -3.82 9.92
CA VAL A 294 17.85 -4.90 10.90
C VAL A 294 17.82 -6.25 10.20
N ALA A 295 16.81 -6.48 9.36
CA ALA A 295 16.66 -7.78 8.70
C ALA A 295 17.88 -8.09 7.83
N LYS A 296 18.36 -7.09 7.08
CA LYS A 296 19.50 -7.30 6.20
C LYS A 296 20.76 -7.63 7.00
N ASN A 297 20.94 -6.99 8.16
CA ASN A 297 22.15 -7.27 8.93
C ASN A 297 22.06 -8.64 9.62
N ILE A 298 20.85 -9.08 9.98
CA ILE A 298 20.70 -10.44 10.52
C ILE A 298 21.05 -11.47 9.46
N VAL A 299 20.58 -11.28 8.22
CA VAL A 299 20.91 -12.24 7.17
C VAL A 299 22.40 -12.17 6.83
N ALA A 300 22.95 -10.95 6.74
CA ALA A 300 24.37 -10.81 6.42
C ALA A 300 25.26 -11.39 7.51
N ALA A 301 24.79 -11.40 8.76
CA ALA A 301 25.53 -12.02 9.85
C ALA A 301 25.47 -13.55 9.80
N GLY A 302 24.70 -14.12 8.87
CA GLY A 302 24.53 -15.55 8.81
C GLY A 302 23.63 -16.11 9.87
N LEU A 303 22.87 -15.27 10.57
CA LEU A 303 21.99 -15.75 11.63
C LEU A 303 20.66 -16.29 11.11
N ALA A 304 20.35 -16.09 9.83
CA ALA A 304 19.16 -16.61 9.17
C ALA A 304 19.36 -16.43 7.68
N THR A 305 18.66 -17.25 6.88
CA THR A 305 18.67 -17.03 5.45
C THR A 305 17.44 -16.30 4.95
N GLN A 306 16.39 -16.21 5.77
CA GLN A 306 15.25 -15.32 5.58
C GLN A 306 14.97 -14.66 6.92
N CYS A 307 14.61 -13.37 6.88
CA CYS A 307 14.28 -12.69 8.13
C CYS A 307 13.25 -11.61 7.87
N GLN A 308 12.15 -11.66 8.61
CA GLN A 308 11.08 -10.67 8.53
C GLN A 308 10.87 -10.05 9.90
N ILE A 309 10.71 -8.74 9.95
CA ILE A 309 10.46 -8.05 11.21
C ILE A 309 9.23 -7.16 11.06
N GLN A 310 8.41 -7.12 12.11
CA GLN A 310 7.31 -6.16 12.19
C GLN A 310 7.53 -5.28 13.41
N VAL A 311 7.35 -3.97 13.26
CA VAL A 311 7.26 -3.07 14.41
C VAL A 311 5.97 -2.28 14.29
N SER A 312 5.59 -1.62 15.39
CA SER A 312 4.48 -0.67 15.33
C SER A 312 4.73 0.45 16.33
N TYR A 313 4.01 1.56 16.14
CA TYR A 313 4.15 2.74 16.98
C TYR A 313 2.77 3.31 17.32
N ALA A 314 2.74 4.14 18.37
CA ALA A 314 1.63 5.02 18.67
C ALA A 314 2.06 6.47 18.44
N ILE A 315 1.17 7.29 17.86
CA ILE A 315 1.51 8.69 17.63
C ILE A 315 1.91 9.35 18.96
N GLY A 316 2.99 10.12 18.92
CA GLY A 316 3.45 10.83 20.11
C GLY A 316 4.11 9.98 21.17
N VAL A 317 4.45 8.73 20.87
CA VAL A 317 5.13 7.83 21.80
C VAL A 317 6.41 7.32 21.14
N ALA A 318 7.50 7.29 21.92
CA ALA A 318 8.80 6.97 21.36
C ALA A 318 9.03 5.46 21.25
N GLU A 319 8.74 4.72 22.31
CA GLU A 319 8.99 3.28 22.28
C GLU A 319 8.01 2.58 21.34
N PRO A 320 8.46 1.68 20.48
CA PRO A 320 7.54 0.93 19.63
C PRO A 320 6.52 0.18 20.48
N THR A 321 5.27 0.13 20.00
CA THR A 321 4.24 -0.63 20.69
C THR A 321 4.40 -2.14 20.48
N SER A 322 5.10 -2.56 19.42
CA SER A 322 5.36 -3.98 19.26
C SER A 322 6.62 -4.18 18.41
N ILE A 323 7.25 -5.33 18.61
CA ILE A 323 8.31 -5.82 17.74
C ILE A 323 8.18 -7.33 17.65
N SER A 324 8.36 -7.87 16.44
CA SER A 324 8.29 -9.31 16.24
C SER A 324 9.24 -9.67 15.11
N ILE A 325 9.80 -10.87 15.20
CA ILE A 325 10.79 -11.35 14.23
C ILE A 325 10.44 -12.77 13.84
N ASP A 326 10.51 -13.05 12.54
CA ASP A 326 10.28 -14.38 12.00
C ASP A 326 11.44 -14.76 11.08
N THR A 327 12.08 -15.88 11.37
CA THR A 327 13.13 -16.41 10.50
C THR A 327 12.68 -17.61 9.70
N PHE A 328 11.39 -17.99 9.78
CA PHE A 328 10.80 -19.02 8.93
C PHE A 328 11.56 -20.34 9.05
N GLY A 329 12.00 -20.66 10.26
CA GLY A 329 12.72 -21.89 10.51
C GLY A 329 14.17 -21.89 10.09
N THR A 330 14.70 -20.75 9.63
CA THR A 330 16.08 -20.69 9.16
C THR A 330 17.01 -20.06 10.18
N GLY A 331 16.49 -19.59 11.32
CA GLY A 331 17.34 -18.91 12.27
C GLY A 331 18.28 -19.87 12.99
N LYS A 332 19.51 -19.41 13.18
CA LYS A 332 20.49 -20.21 13.93
C LYS A 332 20.32 -20.07 15.43
N ILE A 333 19.59 -19.06 15.89
CA ILE A 333 19.20 -18.90 17.29
C ILE A 333 17.71 -18.62 17.32
N SER A 334 17.14 -18.67 18.52
CA SER A 334 15.70 -18.47 18.67
C SER A 334 15.31 -17.04 18.32
N GLU A 335 14.05 -16.88 17.89
CA GLU A 335 13.59 -15.54 17.58
C GLU A 335 13.49 -14.66 18.81
N GLU A 336 13.28 -15.27 20.00
CA GLU A 336 13.33 -14.51 21.24
C GLU A 336 14.73 -13.96 21.47
N LYS A 337 15.76 -14.79 21.29
CA LYS A 337 17.14 -14.33 21.42
C LYS A 337 17.49 -13.29 20.35
N LEU A 338 16.91 -13.42 19.15
CA LEU A 338 17.16 -12.41 18.13
C LEU A 338 16.56 -11.06 18.52
N ILE A 339 15.34 -11.07 19.06
CA ILE A 339 14.74 -9.81 19.48
C ILE A 339 15.60 -9.15 20.55
N ALA A 340 16.15 -9.94 21.47
CA ALA A 340 17.03 -9.39 22.48
C ALA A 340 18.28 -8.79 21.85
N LEU A 341 18.87 -9.47 20.87
CA LEU A 341 20.04 -8.95 20.17
C LEU A 341 19.70 -7.65 19.43
N VAL A 342 18.54 -7.62 18.77
CA VAL A 342 18.15 -6.42 18.02
C VAL A 342 17.99 -5.25 18.96
N CYS A 343 17.30 -5.46 20.09
CA CYS A 343 17.07 -4.36 21.02
C CYS A 343 18.37 -3.88 21.63
N GLU A 344 19.39 -4.73 21.68
CA GLU A 344 20.69 -4.32 22.20
C GLU A 344 21.49 -3.52 21.17
N HIS A 345 21.35 -3.82 19.88
CA HIS A 345 22.21 -3.23 18.88
C HIS A 345 21.53 -2.16 18.03
N PHE A 346 20.22 -1.97 18.15
CA PHE A 346 19.50 -1.00 17.34
C PHE A 346 18.54 -0.22 18.23
N ASP A 347 18.55 1.11 18.10
CA ASP A 347 17.61 1.96 18.83
C ASP A 347 16.45 2.28 17.88
N LEU A 348 15.31 1.66 18.10
CA LEU A 348 14.17 1.80 17.21
C LEU A 348 13.21 2.91 17.65
N ARG A 349 13.58 3.70 18.65
CA ARG A 349 12.85 4.93 18.89
C ARG A 349 13.06 5.89 17.71
N PRO A 350 12.08 6.74 17.40
CA PRO A 350 12.21 7.62 16.22
C PRO A 350 13.52 8.38 16.16
N LYS A 351 13.91 9.05 17.25
CA LYS A 351 15.15 9.81 17.21
C LYS A 351 16.35 8.89 17.09
N GLY A 352 16.28 7.71 17.72
CA GLY A 352 17.37 6.75 17.61
C GLY A 352 17.57 6.25 16.19
N ILE A 353 16.46 6.04 15.46
CA ILE A 353 16.55 5.63 14.05
C ILE A 353 17.20 6.72 13.21
N VAL A 354 16.75 7.96 13.39
CA VAL A 354 17.32 9.08 12.64
C VAL A 354 18.83 9.19 12.86
N GLN A 355 19.27 8.99 14.11
CA GLN A 355 20.71 9.02 14.39
C GLN A 355 21.40 7.79 13.81
N MET A 356 20.74 6.64 13.90
CA MET A 356 21.35 5.39 13.44
CA MET A 356 21.32 5.38 13.43
C MET A 356 21.61 5.43 11.94
N LEU A 357 20.73 6.05 11.18
CA LEU A 357 20.80 6.03 9.72
C LEU A 357 21.10 7.40 9.11
N ASP A 358 21.41 8.42 9.92
CA ASP A 358 21.79 9.74 9.42
C ASP A 358 20.76 10.26 8.42
N LEU A 359 19.52 10.38 8.88
CA LEU A 359 18.39 10.61 7.99
C LEU A 359 18.06 12.08 7.75
N LEU A 360 18.66 13.02 8.48
CA LEU A 360 18.32 14.44 8.31
C LEU A 360 19.18 15.09 7.21
N ARG A 361 19.06 14.52 6.01
CA ARG A 361 19.88 14.88 4.86
C ARG A 361 19.03 14.74 3.60
N PRO A 362 19.32 15.52 2.54
CA PRO A 362 18.58 15.38 1.27
C PRO A 362 19.04 14.17 0.47
N ILE A 363 18.65 12.98 0.95
CA ILE A 363 19.11 11.70 0.40
C ILE A 363 17.96 10.92 -0.23
N TYR A 364 16.78 11.53 -0.41
CA TYR A 364 15.58 10.75 -0.71
C TYR A 364 15.16 10.74 -2.17
N GLY A 365 15.56 11.73 -2.98
CA GLY A 365 15.10 11.77 -4.35
C GLY A 365 15.38 10.49 -5.13
N LYS A 366 16.56 9.90 -4.92
CA LYS A 366 16.90 8.70 -5.67
C LYS A 366 16.08 7.50 -5.25
N SER A 367 15.50 7.51 -4.05
CA SER A 367 14.71 6.37 -3.61
C SER A 367 13.34 6.31 -4.26
N ALA A 368 12.89 7.39 -4.91
CA ALA A 368 11.48 7.50 -5.30
C ALA A 368 11.17 6.80 -6.61
N ALA A 369 12.15 6.19 -7.27
CA ALA A 369 11.92 5.26 -8.35
C ALA A 369 12.95 4.15 -8.26
N TYR A 370 12.56 2.94 -8.70
CA TYR A 370 13.40 1.74 -8.82
C TYR A 370 13.66 1.09 -7.46
N GLY A 371 12.84 1.40 -6.47
CA GLY A 371 12.85 0.68 -5.20
C GLY A 371 13.59 1.37 -4.09
N HIS A 372 13.04 1.31 -2.86
CA HIS A 372 13.75 1.87 -1.72
C HIS A 372 14.77 0.91 -1.14
N PHE A 373 14.63 -0.37 -1.45
CA PHE A 373 15.44 -1.42 -0.87
C PHE A 373 16.16 -2.22 -1.94
N GLY A 374 17.37 -2.66 -1.62
CA GLY A 374 18.14 -3.52 -2.49
C GLY A 374 19.21 -2.85 -3.32
N ARG A 375 19.38 -1.54 -3.19
CA ARG A 375 20.39 -0.80 -3.94
C ARG A 375 21.42 -0.29 -2.95
N GLU A 376 22.67 -0.71 -3.12
CA GLU A 376 23.72 -0.37 -2.17
C GLU A 376 24.44 0.90 -2.61
N GLU A 377 23.66 1.98 -2.69
CA GLU A 377 24.07 3.35 -2.97
C GLU A 377 24.46 4.04 -1.66
N PRO A 378 25.43 4.95 -1.70
CA PRO A 378 25.88 5.58 -0.45
C PRO A 378 24.78 6.35 0.28
N GLU A 379 23.80 6.90 -0.45
CA GLU A 379 22.69 7.59 0.20
C GLU A 379 21.87 6.63 1.06
N PHE A 380 21.85 5.35 0.74
CA PHE A 380 20.88 4.41 1.32
C PHE A 380 21.54 3.71 2.50
N THR A 381 21.62 4.43 3.62
CA THR A 381 22.34 3.93 4.78
C THR A 381 21.71 2.67 5.35
N TRP A 382 20.41 2.47 5.12
CA TRP A 382 19.72 1.28 5.59
C TRP A 382 20.10 0.02 4.82
N GLU A 383 20.93 0.13 3.77
CA GLU A 383 21.45 -1.01 3.04
C GLU A 383 22.86 -1.39 3.47
N ARG A 384 23.45 -0.66 4.41
CA ARG A 384 24.76 -1.04 4.91
C ARG A 384 24.63 -2.29 5.79
N THR A 385 25.65 -3.13 5.75
CA THR A 385 25.72 -4.33 6.59
C THR A 385 26.83 -4.16 7.62
N ASP A 386 26.92 -2.96 8.19
CA ASP A 386 28.02 -2.65 9.11
C ASP A 386 27.78 -3.18 10.52
N LYS A 387 26.59 -3.70 10.82
CA LYS A 387 26.36 -4.31 12.12
C LYS A 387 26.43 -5.84 12.08
N ALA A 388 26.58 -6.43 10.90
CA ALA A 388 26.51 -7.89 10.78
C ALA A 388 27.60 -8.57 11.61
N ALA A 389 28.82 -8.03 11.59
CA ALA A 389 29.90 -8.68 12.33
C ALA A 389 29.64 -8.67 13.83
N SER A 390 29.13 -7.56 14.35
CA SER A 390 28.85 -7.48 15.78
CA SER A 390 28.85 -7.48 15.78
CA SER A 390 28.86 -7.48 15.78
C SER A 390 27.71 -8.41 16.17
N LEU A 391 26.69 -8.52 15.31
CA LEU A 391 25.59 -9.44 15.61
C LEU A 391 26.07 -10.88 15.63
N LYS A 392 26.89 -11.26 14.64
CA LYS A 392 27.40 -12.63 14.59
C LYS A 392 28.22 -12.94 15.84
N ALA A 393 29.10 -12.01 16.22
CA ALA A 393 29.94 -12.23 17.40
C ALA A 393 29.09 -12.34 18.66
N ALA A 394 28.16 -11.40 18.84
CA ALA A 394 27.34 -11.38 20.05
C ALA A 394 26.39 -12.56 20.13
N ALA A 395 26.04 -13.18 19.01
CA ALA A 395 25.25 -14.39 19.03
C ALA A 395 26.05 -15.62 19.46
N GLY A 396 27.37 -15.49 19.57
CA GLY A 396 28.20 -16.64 19.87
C GLY A 396 28.63 -17.43 18.65
N LEU A 397 28.77 -16.77 17.51
CA LEU A 397 29.14 -17.44 16.26
C LEU A 397 30.39 -16.79 15.65
N SER B 10 7.55 -18.77 23.24
CA SER B 10 6.21 -19.33 23.44
C SER B 10 5.13 -18.33 23.03
N GLU B 11 5.50 -17.06 22.86
CA GLU B 11 4.55 -16.01 22.48
C GLU B 11 5.18 -15.09 21.47
N TYR B 12 4.34 -14.44 20.67
CA TYR B 12 4.80 -13.38 19.79
C TYR B 12 3.70 -12.34 19.61
N LEU B 13 4.09 -11.17 19.14
CA LEU B 13 3.18 -10.05 18.97
C LEU B 13 2.85 -9.85 17.50
N PHE B 14 1.67 -9.33 17.24
CA PHE B 14 1.28 -8.92 15.90
C PHE B 14 0.33 -7.75 15.99
N THR B 15 0.49 -6.78 15.10
CA THR B 15 -0.26 -5.53 15.16
C THR B 15 -0.95 -5.24 13.83
N SER B 16 -2.20 -4.74 13.91
CA SER B 16 -2.90 -4.18 12.75
C SER B 16 -3.60 -2.89 13.18
N GLU B 17 -4.13 -2.16 12.20
CA GLU B 17 -4.82 -0.90 12.46
C GLU B 17 -6.05 -0.77 11.56
N SER B 18 -6.95 0.14 11.93
CA SER B 18 -8.00 0.60 11.03
C SER B 18 -8.22 2.09 11.27
N VAL B 19 -9.06 2.71 10.44
CA VAL B 19 -9.35 4.13 10.54
C VAL B 19 -10.85 4.32 10.34
N SER B 20 -11.37 5.46 10.82
CA SER B 20 -12.79 5.73 10.71
C SER B 20 -13.15 6.24 9.31
N GLU B 21 -14.46 6.33 9.05
CA GLU B 21 -14.92 6.91 7.78
C GLU B 21 -14.59 8.39 7.64
N GLY B 22 -14.21 9.05 8.73
CA GLY B 22 -13.76 10.42 8.67
C GLY B 22 -12.28 10.61 8.46
N HIS B 23 -11.49 9.53 8.45
CA HIS B 23 -10.08 9.67 8.15
C HIS B 23 -9.92 10.21 6.73
N PRO B 24 -9.04 11.17 6.50
CA PRO B 24 -8.99 11.84 5.18
C PRO B 24 -8.72 10.91 4.01
N ASP B 25 -7.86 9.91 4.16
CA ASP B 25 -7.69 8.93 3.08
C ASP B 25 -8.99 8.19 2.82
N LYS B 26 -9.70 7.83 3.90
CA LYS B 26 -10.96 7.12 3.71
C LYS B 26 -12.03 8.03 3.14
N VAL B 27 -12.00 9.34 3.46
CA VAL B 27 -12.91 10.27 2.78
C VAL B 27 -12.70 10.19 1.28
N ALA B 28 -11.45 10.20 0.84
CA ALA B 28 -11.15 10.12 -0.58
C ALA B 28 -11.64 8.81 -1.18
N ASP B 29 -11.36 7.68 -0.51
CA ASP B 29 -11.87 6.40 -1.00
C ASP B 29 -13.38 6.42 -1.13
N GLN B 30 -14.07 6.96 -0.12
CA GLN B 30 -15.53 6.92 -0.15
C GLN B 30 -16.11 7.84 -1.23
N VAL B 31 -15.49 8.99 -1.47
CA VAL B 31 -15.94 9.83 -2.58
C VAL B 31 -15.73 9.11 -3.90
N SER B 32 -14.57 8.48 -4.07
CA SER B 32 -14.31 7.74 -5.31
C SER B 32 -15.34 6.64 -5.54
N ASP B 33 -15.67 5.87 -4.50
CA ASP B 33 -16.62 4.78 -4.70
C ASP B 33 -18.07 5.26 -4.72
N ALA B 34 -18.39 6.39 -4.10
CA ALA B 34 -19.73 6.94 -4.24
C ALA B 34 -19.97 7.39 -5.68
N ILE B 35 -18.95 7.98 -6.30
CA ILE B 35 -19.04 8.37 -7.70
C ILE B 35 -19.12 7.13 -8.59
N LEU B 36 -18.33 6.10 -8.28
CA LEU B 36 -18.42 4.85 -9.01
C LEU B 36 -19.84 4.29 -8.96
N ASP B 37 -20.43 4.21 -7.76
CA ASP B 37 -21.79 3.67 -7.64
C ASP B 37 -22.80 4.50 -8.43
N ALA B 38 -22.70 5.83 -8.34
CA ALA B 38 -23.64 6.68 -9.06
C ALA B 38 -23.57 6.42 -10.56
N ILE B 39 -22.37 6.20 -11.08
CA ILE B 39 -22.21 5.88 -12.50
C ILE B 39 -22.79 4.50 -12.79
N LEU B 40 -22.44 3.49 -11.98
CA LEU B 40 -22.87 2.12 -12.28
C LEU B 40 -24.39 1.98 -12.19
N ALA B 41 -25.04 2.82 -11.37
CA ALA B 41 -26.49 2.73 -11.25
C ALA B 41 -27.18 3.08 -12.56
N GLN B 42 -26.56 3.93 -13.37
CA GLN B 42 -27.08 4.30 -14.69
C GLN B 42 -26.47 3.49 -15.82
N ASP B 43 -25.20 3.12 -15.70
CA ASP B 43 -24.44 2.50 -16.79
C ASP B 43 -23.60 1.38 -16.20
N PRO B 44 -24.14 0.16 -16.11
CA PRO B 44 -23.41 -0.94 -15.47
C PRO B 44 -22.10 -1.28 -16.15
N LYS B 45 -21.92 -0.92 -17.42
CA LYS B 45 -20.73 -1.29 -18.18
C LYS B 45 -19.68 -0.18 -18.19
N ALA B 46 -19.86 0.88 -17.41
CA ALA B 46 -18.95 2.00 -17.46
C ALA B 46 -17.53 1.59 -17.07
N ARG B 47 -16.55 2.27 -17.67
CA ARG B 47 -15.16 2.21 -17.22
C ARG B 47 -14.89 3.41 -16.35
N VAL B 48 -14.36 3.19 -15.15
CA VAL B 48 -14.21 4.25 -14.17
C VAL B 48 -12.85 4.08 -13.49
N ALA B 49 -12.09 5.18 -13.41
CA ALA B 49 -10.81 5.23 -12.71
C ALA B 49 -10.79 6.58 -12.00
N ALA B 50 -11.53 6.68 -10.90
CA ALA B 50 -11.85 7.95 -10.27
C ALA B 50 -10.99 8.14 -9.02
N GLU B 51 -10.02 9.04 -9.11
CA GLU B 51 -9.09 9.35 -8.03
C GLU B 51 -9.53 10.64 -7.33
N THR B 52 -9.35 10.69 -6.02
CA THR B 52 -9.79 11.83 -5.22
C THR B 52 -8.65 12.28 -4.31
N LEU B 53 -8.46 13.59 -4.21
CA LEU B 53 -7.54 14.18 -3.24
C LEU B 53 -8.32 15.18 -2.40
N VAL B 54 -8.13 15.14 -1.08
CA VAL B 54 -8.79 16.12 -0.20
C VAL B 54 -7.75 16.83 0.66
N ASN B 55 -7.95 18.13 0.89
CA ASN B 55 -7.10 18.94 1.75
C ASN B 55 -7.98 20.03 2.33
N THR B 56 -7.39 21.02 3.00
CA THR B 56 -8.17 22.12 3.55
C THR B 56 -9.09 22.71 2.49
N GLY B 57 -10.40 22.70 2.78
CA GLY B 57 -11.38 23.21 1.84
C GLY B 57 -11.34 22.66 0.42
N LEU B 58 -10.81 21.46 0.20
CA LEU B 58 -10.47 21.05 -1.16
C LEU B 58 -10.86 19.60 -1.43
N CYS B 59 -11.55 19.38 -2.56
CA CYS B 59 -11.82 18.03 -3.03
C CYS B 59 -11.56 18.01 -4.53
N VAL B 60 -10.44 17.41 -4.95
CA VAL B 60 -10.07 17.31 -6.36
C VAL B 60 -10.51 15.94 -6.87
N LEU B 61 -11.24 15.93 -7.98
CA LEU B 61 -11.68 14.70 -8.64
C LEU B 61 -10.95 14.59 -9.98
N ALA B 62 -10.15 13.53 -10.16
CA ALA B 62 -9.40 13.38 -11.40
C ALA B 62 -9.44 11.91 -11.82
N GLY B 63 -9.03 11.65 -13.07
CA GLY B 63 -9.06 10.29 -13.55
C GLY B 63 -9.78 10.20 -14.88
N GLU B 64 -10.17 8.98 -15.24
CA GLU B 64 -10.68 8.67 -16.57
C GLU B 64 -12.00 7.93 -16.42
N ILE B 65 -13.00 8.36 -17.17
CA ILE B 65 -14.33 7.76 -17.12
C ILE B 65 -14.86 7.59 -18.55
N THR B 66 -15.34 6.40 -18.86
CA THR B 66 -16.08 6.15 -20.10
C THR B 66 -17.48 5.70 -19.72
N THR B 67 -18.49 6.54 -20.03
CA THR B 67 -19.84 6.18 -19.59
C THR B 67 -20.88 6.95 -20.38
N THR B 68 -22.08 6.38 -20.41
CA THR B 68 -23.27 7.09 -20.83
C THR B 68 -24.02 7.72 -19.66
N ALA B 69 -23.60 7.42 -18.44
CA ALA B 69 -24.24 8.00 -17.26
C ALA B 69 -24.08 9.51 -17.25
N GLN B 70 -25.07 10.17 -16.68
CA GLN B 70 -25.01 11.61 -16.44
CA GLN B 70 -25.04 11.62 -16.44
C GLN B 70 -25.13 11.82 -14.93
N VAL B 71 -24.00 12.08 -14.30
CA VAL B 71 -23.88 12.16 -12.84
C VAL B 71 -23.36 13.55 -12.47
N ASP B 72 -24.00 14.17 -11.48
CA ASP B 72 -23.53 15.44 -10.92
C ASP B 72 -22.44 15.10 -9.92
N TYR B 73 -21.20 15.04 -10.40
CA TYR B 73 -20.10 14.56 -9.56
C TYR B 73 -19.90 15.43 -8.33
N ILE B 74 -20.05 16.75 -8.48
CA ILE B 74 -19.86 17.63 -7.34
C ILE B 74 -20.90 17.34 -6.27
N LYS B 75 -22.17 17.17 -6.67
CA LYS B 75 -23.22 16.90 -5.69
C LYS B 75 -22.96 15.57 -4.98
N VAL B 76 -22.54 14.55 -5.72
CA VAL B 76 -22.25 13.26 -5.09
C VAL B 76 -21.12 13.39 -4.08
N ALA B 77 -20.08 14.15 -4.43
CA ALA B 77 -18.97 14.34 -3.50
C ALA B 77 -19.44 15.06 -2.24
N ARG B 78 -20.18 16.17 -2.41
CA ARG B 78 -20.65 16.92 -1.25
C ARG B 78 -21.55 16.06 -0.37
N GLU B 79 -22.42 15.26 -0.97
CA GLU B 79 -23.32 14.42 -0.18
C GLU B 79 -22.55 13.38 0.62
N THR B 80 -21.47 12.87 0.04
CA THR B 80 -20.65 11.87 0.72
C THR B 80 -19.94 12.50 1.92
N ILE B 81 -19.36 13.67 1.71
CA ILE B 81 -18.69 14.41 2.80
C ILE B 81 -19.68 14.75 3.91
N LYS B 82 -20.90 15.16 3.54
CA LYS B 82 -21.93 15.47 4.54
C LYS B 82 -22.26 14.25 5.39
N ARG B 83 -22.44 13.09 4.74
CA ARG B 83 -22.83 11.88 5.46
C ARG B 83 -21.75 11.46 6.44
N ILE B 84 -20.48 11.68 6.07
CA ILE B 84 -19.35 11.32 6.92
C ILE B 84 -19.31 12.19 8.17
N GLY B 85 -19.81 13.42 8.10
CA GLY B 85 -19.91 14.26 9.28
C GLY B 85 -19.20 15.60 9.20
N TYR B 86 -18.62 15.96 8.05
CA TYR B 86 -17.88 17.22 7.91
C TYR B 86 -18.88 18.27 7.47
N ASN B 87 -19.53 18.92 8.44
CA ASN B 87 -20.60 19.84 8.16
C ASN B 87 -20.38 21.19 8.84
N SER B 88 -19.13 21.51 9.15
CA SER B 88 -18.81 22.83 9.69
C SER B 88 -17.45 23.26 9.19
N SER B 89 -17.37 24.49 8.70
CA SER B 89 -16.08 24.97 8.24
C SER B 89 -15.11 25.16 9.40
N GLU B 90 -15.60 25.15 10.65
CA GLU B 90 -14.69 25.14 11.79
C GLU B 90 -13.73 23.97 11.73
N LEU B 91 -14.09 22.91 11.02
CA LEU B 91 -13.25 21.72 10.90
C LEU B 91 -12.22 21.83 9.79
N GLY B 92 -12.22 22.94 9.03
CA GLY B 92 -11.31 23.12 7.89
C GLY B 92 -11.72 22.41 6.62
N PHE B 93 -12.86 21.74 6.63
CA PHE B 93 -13.31 20.90 5.53
C PHE B 93 -14.78 20.62 5.79
N ASP B 94 -15.66 21.00 4.87
CA ASP B 94 -17.07 20.80 5.11
C ASP B 94 -17.82 20.68 3.79
N ALA B 95 -18.92 19.93 3.84
CA ALA B 95 -19.61 19.53 2.61
C ALA B 95 -20.15 20.74 1.85
N ASN B 96 -20.73 21.71 2.56
CA ASN B 96 -21.40 22.84 1.93
C ASN B 96 -20.40 23.87 1.40
N GLY B 97 -19.23 23.95 2.02
CA GLY B 97 -18.34 25.07 1.79
C GLY B 97 -17.06 24.77 1.05
N CYS B 98 -16.67 23.50 0.90
CA CYS B 98 -15.40 23.22 0.25
C CYS B 98 -15.46 23.43 -1.26
N ALA B 99 -14.28 23.58 -1.86
CA ALA B 99 -14.18 23.63 -3.31
C ALA B 99 -14.10 22.21 -3.83
N VAL B 100 -14.98 21.87 -4.76
CA VAL B 100 -14.91 20.59 -5.48
C VAL B 100 -14.57 20.91 -6.93
N GLY B 101 -13.47 20.34 -7.42
CA GLY B 101 -13.09 20.60 -8.81
C GLY B 101 -13.03 19.31 -9.61
N VAL B 102 -13.66 19.28 -10.78
CA VAL B 102 -13.77 18.07 -11.57
C VAL B 102 -12.79 18.17 -12.73
N TYR B 103 -11.84 17.23 -12.79
CA TYR B 103 -10.80 17.20 -13.81
C TYR B 103 -10.84 15.94 -14.66
N TYR B 104 -11.91 15.16 -14.58
CA TYR B 104 -11.95 13.86 -15.25
C TYR B 104 -11.71 14.01 -16.75
N ASP B 105 -10.92 13.09 -17.31
N ASP B 105 -10.85 13.15 -17.30
CA ASP B 105 -10.89 12.87 -18.75
CA ASP B 105 -10.97 12.91 -18.74
C ASP B 105 -12.06 11.93 -19.06
C ASP B 105 -12.13 11.96 -18.92
N GLN B 106 -13.21 12.48 -19.48
CA GLN B 106 -14.42 11.71 -19.67
C GLN B 106 -14.76 11.62 -21.15
N GLN B 107 -15.07 10.41 -21.60
CA GLN B 107 -15.43 10.14 -22.99
C GLN B 107 -16.70 9.29 -23.02
N SER B 108 -17.48 9.44 -24.08
CA SER B 108 -18.56 8.51 -24.33
C SER B 108 -18.01 7.23 -24.95
N PRO B 109 -18.68 6.09 -24.75
CA PRO B 109 -18.25 4.84 -25.38
C PRO B 109 -18.36 4.88 -26.90
N ASP B 122 -16.44 -13.18 -25.15
CA ASP B 122 -16.09 -11.99 -24.38
C ASP B 122 -15.46 -12.37 -23.05
N LEU B 123 -15.67 -13.63 -22.64
CA LEU B 123 -15.01 -14.14 -21.44
C LEU B 123 -13.49 -14.19 -21.59
N ASN B 124 -12.99 -14.19 -22.83
CA ASN B 124 -11.55 -14.19 -23.08
C ASN B 124 -10.99 -12.80 -23.30
N GLN B 125 -11.69 -11.77 -22.85
CA GLN B 125 -11.14 -10.42 -22.95
C GLN B 125 -9.88 -10.32 -22.09
N GLY B 126 -8.85 -9.70 -22.65
CA GLY B 126 -7.60 -9.54 -21.92
C GLY B 126 -7.73 -8.57 -20.76
N ALA B 127 -6.86 -8.77 -19.77
CA ALA B 127 -6.78 -7.85 -18.64
C ALA B 127 -6.42 -6.45 -19.13
N GLY B 128 -6.89 -5.45 -18.38
CA GLY B 128 -6.62 -4.06 -18.73
C GLY B 128 -5.26 -3.55 -18.29
N ASP B 129 -4.48 -4.39 -17.61
CA ASP B 129 -3.19 -4.00 -17.05
C ASP B 129 -2.48 -5.28 -16.60
N GLN B 130 -1.17 -5.16 -16.38
CA GLN B 130 -0.47 -6.19 -15.62
C GLN B 130 -0.73 -5.99 -14.14
N GLY B 131 -0.21 -6.88 -13.32
CA GLY B 131 -0.23 -6.67 -11.88
C GLY B 131 -0.39 -7.98 -11.14
N LEU B 132 -0.21 -7.90 -9.82
CA LEU B 132 -0.32 -9.06 -8.94
C LEU B 132 -1.32 -8.78 -7.83
N MET B 133 -1.94 -9.85 -7.32
CA MET B 133 -3.00 -9.70 -6.32
C MET B 133 -2.96 -10.88 -5.35
N PHE B 134 -3.33 -10.63 -4.10
CA PHE B 134 -3.37 -11.65 -3.06
C PHE B 134 -4.75 -11.75 -2.42
N GLY B 135 -5.10 -12.97 -1.97
CA GLY B 135 -6.24 -13.18 -1.12
C GLY B 135 -5.87 -14.05 0.07
N TYR B 136 -6.73 -14.02 1.09
CA TYR B 136 -6.38 -14.67 2.35
C TYR B 136 -7.63 -15.00 3.16
N ALA B 137 -7.54 -16.06 3.96
CA ALA B 137 -8.57 -16.41 4.93
C ALA B 137 -7.95 -17.32 6.00
N CYS B 138 -8.60 -17.34 7.16
CA CYS B 138 -8.13 -18.13 8.30
C CYS B 138 -9.28 -18.28 9.28
N ASP B 139 -9.12 -19.17 10.26
CA ASP B 139 -10.22 -19.52 11.14
C ASP B 139 -10.28 -18.71 12.44
N GLU B 140 -9.67 -17.52 12.47
CA GLU B 140 -9.53 -16.79 13.74
C GLU B 140 -10.78 -16.04 14.17
N THR B 141 -11.70 -15.75 13.25
CA THR B 141 -12.87 -14.93 13.55
C THR B 141 -14.06 -15.52 12.82
N PRO B 142 -15.29 -15.12 13.19
CA PRO B 142 -16.48 -15.73 12.57
C PRO B 142 -16.53 -15.58 11.05
N THR B 143 -16.05 -14.47 10.50
CA THR B 143 -16.10 -14.24 9.06
C THR B 143 -14.81 -14.68 8.37
N LEU B 144 -13.98 -15.47 9.07
CA LEU B 144 -12.75 -16.05 8.53
C LEU B 144 -11.72 -14.99 8.18
N MET B 145 -11.58 -13.98 9.05
CA MET B 145 -10.60 -12.91 8.96
C MET B 145 -9.54 -13.05 10.05
N PRO B 146 -8.35 -12.49 9.82
CA PRO B 146 -7.38 -12.36 10.93
C PRO B 146 -7.95 -11.50 12.05
N PHE B 147 -7.60 -11.87 13.29
CA PHE B 147 -8.18 -11.26 14.47
C PHE B 147 -7.96 -9.74 14.50
N ALA B 148 -6.71 -9.29 14.30
CA ALA B 148 -6.38 -7.92 14.62
C ALA B 148 -7.08 -6.92 13.70
N ILE B 149 -7.14 -7.21 12.39
CA ILE B 149 -7.82 -6.28 11.48
C ILE B 149 -9.32 -6.32 11.71
N TYR B 150 -9.86 -7.51 12.00
CA TYR B 150 -11.30 -7.66 12.21
C TYR B 150 -11.78 -6.76 13.33
N TYR B 151 -11.09 -6.81 14.48
CA TYR B 151 -11.53 -6.01 15.62
C TYR B 151 -11.09 -4.55 15.51
N SER B 152 -9.99 -4.26 14.80
CA SER B 152 -9.65 -2.86 14.57
C SER B 152 -10.75 -2.15 13.79
N HIS B 153 -11.30 -2.81 12.77
CA HIS B 153 -12.42 -2.23 12.04
C HIS B 153 -13.60 -1.95 12.97
N ARG B 154 -13.92 -2.93 13.81
CA ARG B 154 -15.10 -2.81 14.67
C ARG B 154 -14.94 -1.69 15.69
N LEU B 155 -13.70 -1.43 16.15
CA LEU B 155 -13.46 -0.29 17.02
C LEU B 155 -13.81 1.02 16.32
N MET B 156 -13.42 1.13 15.05
CA MET B 156 -13.71 2.37 14.33
C MET B 156 -15.18 2.47 13.94
N GLN B 157 -15.85 1.34 13.67
CA GLN B 157 -17.28 1.42 13.42
C GLN B 157 -18.01 1.86 14.68
N ARG B 158 -17.54 1.42 15.85
CA ARG B 158 -18.17 1.82 17.10
C ARG B 158 -17.96 3.30 17.38
N GLN B 159 -16.76 3.82 17.10
CA GLN B 159 -16.53 5.26 17.25
C GLN B 159 -17.52 6.05 16.41
N SER B 160 -17.71 5.64 15.15
CA SER B 160 -18.61 6.40 14.28
CA SER B 160 -18.61 6.37 14.27
C SER B 160 -20.05 6.24 14.71
N GLU B 161 -20.43 5.07 15.23
CA GLU B 161 -21.81 4.82 15.63
C GLU B 161 -22.20 5.73 16.80
N LEU B 162 -21.33 5.85 17.80
CA LEU B 162 -21.68 6.66 18.98
C LEU B 162 -21.58 8.15 18.68
N ARG B 163 -20.76 8.53 17.71
CA ARG B 163 -20.76 9.91 17.24
C ARG B 163 -22.08 10.24 16.54
N LYS B 164 -22.51 9.38 15.62
CA LYS B 164 -23.65 9.72 14.78
C LYS B 164 -24.98 9.68 15.53
N ASP B 165 -25.14 8.80 16.52
CA ASP B 165 -26.39 8.74 17.25
C ASP B 165 -26.38 9.62 18.49
N GLY B 166 -25.34 10.44 18.67
CA GLY B 166 -25.32 11.42 19.73
C GLY B 166 -25.02 10.89 21.12
N ARG B 167 -24.65 9.61 21.27
CA ARG B 167 -24.28 9.12 22.59
C ARG B 167 -23.00 9.78 23.09
N LEU B 168 -22.07 10.10 22.19
CA LEU B 168 -20.86 10.85 22.53
C LEU B 168 -20.77 12.01 21.56
N PRO B 169 -21.52 13.09 21.80
CA PRO B 169 -21.68 14.13 20.78
C PRO B 169 -20.43 14.99 20.59
N TRP B 170 -19.45 14.89 21.47
CA TRP B 170 -18.19 15.60 21.33
C TRP B 170 -17.22 14.90 20.37
N LEU B 171 -17.52 13.68 19.94
CA LEU B 171 -16.69 13.03 18.91
C LEU B 171 -16.77 13.80 17.60
N ARG B 172 -15.66 13.87 16.89
CA ARG B 172 -15.58 14.41 15.55
C ARG B 172 -15.22 13.27 14.57
N PRO B 173 -15.27 13.51 13.25
CA PRO B 173 -15.26 12.37 12.31
C PRO B 173 -13.95 11.58 12.25
N ASP B 174 -12.81 12.23 12.44
CA ASP B 174 -11.51 11.63 12.15
C ASP B 174 -11.05 10.77 13.34
N ALA B 175 -10.65 9.52 13.08
CA ALA B 175 -10.21 8.62 14.14
C ALA B 175 -9.41 7.46 13.55
N LYS B 176 -8.57 6.86 14.42
CA LYS B 176 -7.74 5.69 14.08
C LYS B 176 -7.68 4.76 15.28
N ALA B 177 -7.44 3.47 15.01
CA ALA B 177 -7.26 2.48 16.06
C ALA B 177 -6.18 1.49 15.66
N GLN B 178 -5.51 0.92 16.66
CA GLN B 178 -4.43 -0.02 16.43
C GLN B 178 -4.42 -1.05 17.54
N LEU B 179 -4.40 -2.33 17.16
CA LEU B 179 -4.43 -3.43 18.12
C LEU B 179 -3.14 -4.22 18.01
N THR B 180 -2.46 -4.42 19.15
CA THR B 180 -1.35 -5.34 19.26
C THR B 180 -1.82 -6.55 20.05
N VAL B 181 -1.78 -7.72 19.42
CA VAL B 181 -2.28 -8.93 20.05
CA VAL B 181 -2.29 -8.95 19.98
C VAL B 181 -1.13 -9.89 20.28
N VAL B 182 -1.29 -10.74 21.29
CA VAL B 182 -0.31 -11.76 21.65
C VAL B 182 -0.81 -13.10 21.12
N TYR B 183 0.02 -13.79 20.34
CA TYR B 183 -0.27 -15.11 19.83
C TYR B 183 0.57 -16.16 20.55
N ASP B 184 0.01 -17.37 20.67
CA ASP B 184 0.77 -18.50 21.17
C ASP B 184 1.65 -19.04 20.05
N SER B 185 2.95 -19.19 20.33
CA SER B 185 3.89 -19.51 19.28
C SER B 185 3.67 -20.90 18.70
N GLU B 186 3.16 -21.84 19.49
CA GLU B 186 2.94 -23.21 19.02
C GLU B 186 1.61 -23.37 18.31
N THR B 187 0.52 -22.94 18.93
CA THR B 187 -0.82 -23.19 18.41
C THR B 187 -1.30 -22.11 17.44
N GLY B 188 -0.67 -20.94 17.43
CA GLY B 188 -1.11 -19.86 16.57
C GLY B 188 -2.38 -19.17 17.01
N LYS B 189 -2.89 -19.48 18.19
CA LYS B 189 -4.13 -18.89 18.70
C LYS B 189 -3.83 -17.58 19.43
N VAL B 190 -4.80 -16.67 19.39
CA VAL B 190 -4.72 -15.43 20.15
C VAL B 190 -4.80 -15.74 21.63
N LYS B 191 -3.90 -15.15 22.43
CA LYS B 191 -3.89 -15.33 23.88
C LYS B 191 -4.49 -14.15 24.63
N ARG B 192 -4.14 -12.93 24.25
CA ARG B 192 -4.62 -11.73 24.93
C ARG B 192 -4.29 -10.54 24.04
N ILE B 193 -4.87 -9.39 24.39
CA ILE B 193 -4.62 -8.15 23.69
C ILE B 193 -3.63 -7.35 24.53
N ASP B 194 -2.51 -6.96 23.93
CA ASP B 194 -1.44 -6.31 24.68
C ASP B 194 -1.61 -4.79 24.73
N THR B 195 -1.89 -4.16 23.59
CA THR B 195 -2.00 -2.72 23.52
C THR B 195 -3.16 -2.35 22.62
N VAL B 196 -3.99 -1.40 23.06
CA VAL B 196 -4.99 -0.76 22.21
C VAL B 196 -4.60 0.71 22.09
N VAL B 197 -4.36 1.16 20.86
CA VAL B 197 -4.21 2.58 20.57
C VAL B 197 -5.52 3.05 19.95
N LEU B 198 -6.05 4.18 20.42
CA LEU B 198 -7.19 4.80 19.75
C LEU B 198 -7.04 6.30 19.84
N SER B 199 -7.00 6.96 18.69
CA SER B 199 -6.99 8.41 18.61
C SER B 199 -8.29 8.84 17.95
N THR B 200 -9.02 9.75 18.60
CA THR B 200 -10.24 10.30 18.00
C THR B 200 -10.26 11.82 18.08
N GLN B 201 -10.63 12.45 16.96
CA GLN B 201 -10.87 13.89 16.94
C GLN B 201 -12.01 14.24 17.88
N HIS B 202 -11.98 15.46 18.43
CA HIS B 202 -12.96 15.78 19.47
C HIS B 202 -13.18 17.29 19.56
N ASP B 203 -14.35 17.65 20.07
CA ASP B 203 -14.68 19.02 20.46
CA ASP B 203 -14.62 19.04 20.41
C ASP B 203 -13.65 19.51 21.49
N PRO B 204 -13.14 20.73 21.37
CA PRO B 204 -12.13 21.19 22.35
C PRO B 204 -12.62 21.27 23.79
N ALA B 205 -13.93 21.21 24.02
CA ALA B 205 -14.47 21.44 25.36
C ALA B 205 -14.32 20.24 26.29
N ILE B 206 -13.98 19.04 25.80
CA ILE B 206 -13.89 17.87 26.66
C ILE B 206 -12.43 17.69 27.10
N SER B 207 -12.25 17.39 28.39
CA SER B 207 -10.91 17.12 28.90
C SER B 207 -10.40 15.77 28.39
N GLN B 208 -9.07 15.65 28.35
CA GLN B 208 -8.48 14.37 27.98
C GLN B 208 -8.84 13.27 28.98
N GLU B 209 -8.96 13.62 30.26
CA GLU B 209 -9.32 12.60 31.26
C GLU B 209 -10.71 12.04 30.99
N GLU B 210 -11.68 12.92 30.70
CA GLU B 210 -13.04 12.45 30.43
C GLU B 210 -13.12 11.74 29.09
N LEU B 211 -12.43 12.26 28.08
CA LEU B 211 -12.39 11.59 26.78
C LEU B 211 -11.80 10.19 26.89
N SER B 212 -10.68 10.06 27.60
CA SER B 212 -10.00 8.77 27.68
CA SER B 212 -10.01 8.77 27.66
C SER B 212 -10.89 7.72 28.32
N LYS B 213 -11.54 8.10 29.43
CA LYS B 213 -12.42 7.18 30.12
C LYS B 213 -13.57 6.73 29.22
N ALA B 214 -14.17 7.67 28.48
CA ALA B 214 -15.31 7.33 27.63
C ALA B 214 -14.88 6.45 26.47
N VAL B 215 -13.72 6.71 25.87
CA VAL B 215 -13.26 5.86 24.77
C VAL B 215 -13.06 4.43 25.26
N ILE B 216 -12.40 4.27 26.41
CA ILE B 216 -12.12 2.92 26.91
C ILE B 216 -13.41 2.20 27.31
N GLU B 217 -14.28 2.88 28.07
CA GLU B 217 -15.46 2.20 28.60
C GLU B 217 -16.59 2.06 27.61
N GLN B 218 -16.72 3.00 26.67
CA GLN B 218 -17.88 3.01 25.79
C GLN B 218 -17.56 2.63 24.35
N ILE B 219 -16.31 2.74 23.92
CA ILE B 219 -15.91 2.31 22.58
C ILE B 219 -15.12 1.01 22.60
N ILE B 220 -14.06 0.95 23.41
CA ILE B 220 -13.13 -0.18 23.35
C ILE B 220 -13.71 -1.42 24.01
N LYS B 221 -14.13 -1.30 25.28
CA LYS B 221 -14.51 -2.51 25.99
C LYS B 221 -15.79 -3.17 25.45
N PRO B 222 -16.78 -2.45 24.95
CA PRO B 222 -17.94 -3.14 24.36
C PRO B 222 -17.61 -3.89 23.08
N VAL B 223 -16.50 -3.58 22.42
CA VAL B 223 -16.15 -4.20 21.14
C VAL B 223 -15.25 -5.41 21.30
N LEU B 224 -14.28 -5.35 22.24
CA LEU B 224 -13.26 -6.40 22.26
C LEU B 224 -13.67 -7.53 23.22
N PRO B 225 -13.26 -8.76 22.91
CA PRO B 225 -13.59 -9.91 23.79
C PRO B 225 -13.07 -9.70 25.20
N PRO B 226 -13.94 -9.79 26.22
CA PRO B 226 -13.53 -9.46 27.59
C PRO B 226 -12.40 -10.33 28.11
N GLU B 227 -12.42 -11.61 27.77
CA GLU B 227 -11.41 -12.52 28.30
C GLU B 227 -10.02 -12.23 27.72
N LEU B 228 -9.93 -11.43 26.66
CA LEU B 228 -8.64 -11.07 26.10
C LEU B 228 -8.12 -9.72 26.60
N LEU B 229 -8.92 -9.00 27.39
CA LEU B 229 -8.47 -7.78 28.05
C LEU B 229 -8.08 -8.13 29.48
N THR B 230 -6.84 -7.87 29.84
CA THR B 230 -6.34 -8.19 31.17
C THR B 230 -5.79 -6.94 31.85
N ASP B 231 -5.32 -7.13 33.09
CA ASP B 231 -4.68 -6.04 33.82
C ASP B 231 -3.37 -5.60 33.17
N GLU B 232 -2.82 -6.41 32.28
CA GLU B 232 -1.62 -6.03 31.53
C GLU B 232 -1.94 -5.31 30.21
N THR B 233 -3.21 -5.23 29.80
CA THR B 233 -3.54 -4.52 28.57
C THR B 233 -3.30 -3.03 28.74
N LYS B 234 -2.60 -2.44 27.78
CA LYS B 234 -2.26 -1.02 27.78
C LYS B 234 -3.17 -0.27 26.83
N TYR B 235 -3.73 0.85 27.30
CA TYR B 235 -4.61 1.70 26.51
C TYR B 235 -3.92 3.04 26.27
N LEU B 236 -3.66 3.37 25.01
CA LEU B 236 -3.04 4.65 24.65
C LEU B 236 -4.07 5.46 23.87
N ILE B 237 -4.68 6.46 24.52
CA ILE B 237 -5.76 7.25 23.93
C ILE B 237 -5.25 8.66 23.67
N ASN B 238 -5.42 9.14 22.44
CA ASN B 238 -5.00 10.47 22.02
C ASN B 238 -3.63 10.82 22.61
N PRO B 239 -2.58 10.06 22.28
CA PRO B 239 -1.33 10.16 23.05
C PRO B 239 -0.54 11.45 22.83
N THR B 240 -0.90 12.31 21.87
CA THR B 240 -0.26 13.61 21.82
C THR B 240 -0.84 14.57 22.85
N GLY B 241 -2.01 14.27 23.39
CA GLY B 241 -2.66 15.10 24.38
C GLY B 241 -3.75 16.01 23.84
N ARG B 242 -3.91 16.07 22.52
CA ARG B 242 -4.93 16.92 21.92
CA ARG B 242 -4.93 16.92 21.92
C ARG B 242 -5.15 16.44 20.49
N PHE B 243 -6.42 16.40 20.07
CA PHE B 243 -6.80 15.97 18.71
C PHE B 243 -8.06 16.77 18.34
N VAL B 244 -7.89 18.09 18.22
CA VAL B 244 -8.98 18.98 17.81
C VAL B 244 -8.92 19.27 16.32
N ILE B 245 -7.74 19.67 15.83
CA ILE B 245 -7.53 19.79 14.38
C ILE B 245 -7.52 18.39 13.78
N GLY B 246 -8.24 18.20 12.68
CA GLY B 246 -8.30 16.88 12.08
C GLY B 246 -8.83 16.96 10.67
N GLY B 247 -9.20 15.80 10.13
CA GLY B 247 -9.68 15.74 8.77
C GLY B 247 -8.62 16.19 7.77
N PRO B 248 -9.06 16.50 6.55
CA PRO B 248 -8.11 16.88 5.47
C PRO B 248 -7.25 18.11 5.80
N GLN B 249 -7.71 19.01 6.66
CA GLN B 249 -6.86 20.12 7.06
CA GLN B 249 -6.85 20.13 7.06
C GLN B 249 -5.62 19.63 7.79
N GLY B 250 -5.82 18.74 8.78
CA GLY B 250 -4.69 18.19 9.51
C GLY B 250 -3.84 17.23 8.71
N ASP B 251 -4.39 16.62 7.67
CA ASP B 251 -3.68 15.52 6.99
C ASP B 251 -4.34 15.29 5.63
N CYS B 252 -3.62 15.59 4.56
CA CYS B 252 -4.15 15.41 3.22
C CYS B 252 -4.55 13.95 2.98
N GLY B 253 -5.67 13.75 2.30
CA GLY B 253 -6.16 12.42 1.97
C GLY B 253 -6.19 12.16 0.48
N LEU B 254 -5.92 10.89 0.10
CA LEU B 254 -5.89 10.49 -1.29
CA LEU B 254 -5.83 10.46 -1.29
C LEU B 254 -6.49 9.10 -1.43
N THR B 255 -7.13 8.86 -2.57
CA THR B 255 -7.65 7.53 -2.87
C THR B 255 -6.52 6.51 -2.85
N GLY B 256 -6.78 5.33 -2.29
CA GLY B 256 -5.82 4.25 -2.47
C GLY B 256 -4.63 4.27 -1.54
N ARG B 257 -4.74 4.94 -0.39
CA ARG B 257 -3.67 5.06 0.58
C ARG B 257 -3.97 4.30 1.87
N LYS B 258 -4.96 3.40 1.84
CA LYS B 258 -5.29 2.55 2.98
C LYS B 258 -5.48 1.12 2.50
N ILE B 259 -4.58 0.65 1.62
CA ILE B 259 -4.81 -0.64 0.96
C ILE B 259 -4.65 -1.80 1.92
N ILE B 260 -3.91 -1.63 3.02
CA ILE B 260 -3.74 -2.71 3.99
C ILE B 260 -4.88 -2.70 5.01
N VAL B 261 -5.33 -1.52 5.44
CA VAL B 261 -6.61 -1.42 6.15
C VAL B 261 -7.74 -2.02 5.34
N ASP B 262 -7.73 -1.82 4.01
CA ASP B 262 -8.82 -2.31 3.16
C ASP B 262 -8.85 -3.83 3.05
N THR B 263 -7.76 -4.50 3.41
CA THR B 263 -7.61 -5.93 3.12
C THR B 263 -7.41 -6.68 4.44
N TYR B 264 -6.19 -7.08 4.78
CA TYR B 264 -5.98 -8.02 5.88
C TYR B 264 -5.12 -7.46 7.02
N GLY B 265 -4.86 -6.15 7.03
CA GLY B 265 -4.15 -5.58 8.16
C GLY B 265 -2.72 -6.04 8.32
N GLY B 266 -2.09 -6.52 7.25
CA GLY B 266 -0.72 -6.99 7.33
C GLY B 266 -0.58 -8.47 7.60
N ALA B 267 -1.68 -9.20 7.77
CA ALA B 267 -1.61 -10.64 8.01
C ALA B 267 -1.31 -11.43 6.74
N ALA B 268 -1.34 -10.77 5.58
CA ALA B 268 -1.04 -11.37 4.30
C ALA B 268 -0.42 -10.28 3.43
N PRO B 269 0.37 -10.67 2.42
CA PRO B 269 0.93 -9.66 1.52
C PRO B 269 -0.14 -9.03 0.64
N HIS B 270 0.29 -8.01 -0.11
CA HIS B 270 -0.61 -7.25 -0.97
C HIS B 270 0.10 -7.04 -2.30
N GLY B 271 -0.69 -6.97 -3.39
CA GLY B 271 -0.14 -6.80 -4.72
C GLY B 271 0.14 -5.36 -5.11
N GLY B 272 -0.42 -4.39 -4.40
CA GLY B 272 -0.10 -2.98 -4.58
C GLY B 272 -1.25 -2.11 -5.06
N GLY B 273 -2.25 -2.69 -5.69
CA GLY B 273 -3.28 -1.89 -6.33
C GLY B 273 -4.38 -1.46 -5.38
N ALA B 274 -4.89 -0.25 -5.62
CA ALA B 274 -6.02 0.29 -4.86
C ALA B 274 -7.33 -0.28 -5.38
N PHE B 275 -8.36 -0.22 -4.54
CA PHE B 275 -9.71 -0.67 -4.94
C PHE B 275 -10.64 0.47 -5.33
N SER B 276 -10.72 1.54 -4.53
CA SER B 276 -11.82 2.48 -4.64
C SER B 276 -11.68 3.35 -5.90
N GLY B 277 -12.82 3.66 -6.51
CA GLY B 277 -12.86 4.42 -7.75
C GLY B 277 -12.67 3.61 -9.00
N LYS B 278 -12.47 2.29 -8.89
CA LYS B 278 -12.19 1.42 -10.02
C LYS B 278 -13.40 0.55 -10.33
N ASP B 279 -13.83 0.57 -11.58
CA ASP B 279 -14.89 -0.35 -12.00
C ASP B 279 -14.37 -1.79 -11.98
N PRO B 280 -15.27 -2.78 -11.96
CA PRO B 280 -14.83 -4.18 -11.78
C PRO B 280 -14.12 -4.80 -12.98
N SER B 281 -13.92 -4.10 -14.09
CA SER B 281 -13.05 -4.64 -15.12
C SER B 281 -11.59 -4.57 -14.74
N LYS B 282 -11.25 -3.84 -13.68
CA LYS B 282 -9.87 -3.62 -13.29
CA LYS B 282 -9.87 -3.62 -13.28
C LYS B 282 -9.44 -4.73 -12.33
N VAL B 283 -8.46 -5.55 -12.75
CA VAL B 283 -8.10 -6.71 -11.95
C VAL B 283 -7.50 -6.33 -10.60
N ASP B 284 -6.93 -5.13 -10.45
CA ASP B 284 -6.49 -4.70 -9.11
C ASP B 284 -7.60 -4.93 -8.09
N ARG B 285 -8.85 -4.68 -8.49
CA ARG B 285 -9.99 -4.86 -7.61
C ARG B 285 -10.67 -6.22 -7.79
N SER B 286 -11.05 -6.57 -9.02
CA SER B 286 -11.82 -7.79 -9.24
C SER B 286 -11.02 -9.04 -8.86
N ALA B 287 -9.73 -9.08 -9.17
CA ALA B 287 -8.96 -10.28 -8.86
C ALA B 287 -8.67 -10.39 -7.36
N ALA B 288 -8.48 -9.26 -6.67
CA ALA B 288 -8.35 -9.33 -5.22
C ALA B 288 -9.63 -9.84 -4.58
N TYR B 289 -10.78 -9.38 -5.06
CA TYR B 289 -12.04 -9.88 -4.54
C TYR B 289 -12.19 -11.37 -4.83
N ALA B 290 -11.79 -11.79 -6.03
CA ALA B 290 -11.86 -13.22 -6.36
C ALA B 290 -10.93 -14.04 -5.48
N CYS B 291 -9.72 -13.53 -5.22
CA CYS B 291 -8.78 -14.25 -4.37
C CYS B 291 -9.32 -14.39 -2.94
N ARG B 292 -9.95 -13.35 -2.40
CA ARG B 292 -10.63 -13.47 -1.11
C ARG B 292 -11.71 -14.53 -1.18
N TYR B 293 -12.50 -14.52 -2.26
CA TYR B 293 -13.55 -15.51 -2.48
C TYR B 293 -12.97 -16.91 -2.51
N VAL B 294 -11.89 -17.11 -3.27
CA VAL B 294 -11.28 -18.44 -3.37
C VAL B 294 -10.76 -18.88 -2.01
N ALA B 295 -9.98 -18.02 -1.35
CA ALA B 295 -9.37 -18.39 -0.09
C ALA B 295 -10.43 -18.66 0.98
N LYS B 296 -11.46 -17.81 1.05
CA LYS B 296 -12.48 -17.98 2.09
C LYS B 296 -13.25 -19.28 1.90
N ASN B 297 -13.48 -19.67 0.64
CA ASN B 297 -14.24 -20.90 0.41
C ASN B 297 -13.39 -22.14 0.70
N ILE B 298 -12.10 -22.08 0.39
CA ILE B 298 -11.19 -23.18 0.72
C ILE B 298 -11.18 -23.42 2.22
N VAL B 299 -11.11 -22.34 3.00
CA VAL B 299 -11.16 -22.47 4.45
C VAL B 299 -12.54 -22.95 4.91
N ALA B 300 -13.61 -22.31 4.39
CA ALA B 300 -14.97 -22.69 4.79
C ALA B 300 -15.25 -24.15 4.51
N ALA B 301 -14.58 -24.73 3.51
CA ALA B 301 -14.76 -26.15 3.17
C ALA B 301 -13.92 -27.08 4.04
N GLY B 302 -13.20 -26.53 5.02
CA GLY B 302 -12.33 -27.32 5.86
C GLY B 302 -11.12 -27.90 5.16
N LEU B 303 -10.76 -27.38 3.97
CA LEU B 303 -9.58 -27.85 3.27
C LEU B 303 -8.28 -27.26 3.82
N ALA B 304 -8.38 -26.21 4.62
CA ALA B 304 -7.24 -25.62 5.32
C ALA B 304 -7.80 -24.70 6.38
N THR B 305 -6.99 -24.41 7.40
CA THR B 305 -7.34 -23.38 8.37
C THR B 305 -6.64 -22.05 8.10
N GLN B 306 -5.76 -22.02 7.11
CA GLN B 306 -5.05 -20.80 6.72
C GLN B 306 -4.80 -20.93 5.23
N CYS B 307 -5.21 -19.94 4.43
CA CYS B 307 -5.01 -20.08 2.99
C CYS B 307 -4.70 -18.73 2.37
N GLN B 308 -3.62 -18.70 1.58
CA GLN B 308 -3.20 -17.49 0.90
C GLN B 308 -3.02 -17.80 -0.59
N ILE B 309 -3.55 -16.93 -1.45
CA ILE B 309 -3.42 -17.15 -2.89
C ILE B 309 -2.84 -15.90 -3.52
N GLN B 310 -1.97 -16.08 -4.52
CA GLN B 310 -1.50 -14.99 -5.36
C GLN B 310 -1.82 -15.29 -6.81
N VAL B 311 -2.33 -14.31 -7.54
CA VAL B 311 -2.43 -14.38 -9.00
C VAL B 311 -1.70 -13.18 -9.59
N SER B 312 -1.49 -13.23 -10.90
CA SER B 312 -1.01 -12.06 -11.62
C SER B 312 -1.56 -12.10 -13.03
N TYR B 313 -1.46 -10.97 -13.73
CA TYR B 313 -1.98 -10.82 -15.09
C TYR B 313 -0.98 -10.07 -15.95
N ALA B 314 -1.11 -10.23 -17.26
CA ALA B 314 -0.45 -9.38 -18.24
C ALA B 314 -1.51 -8.58 -18.99
N ILE B 315 -1.21 -7.33 -19.31
CA ILE B 315 -2.15 -6.53 -20.08
C ILE B 315 -2.42 -7.22 -21.41
N GLY B 316 -3.69 -7.30 -21.79
CA GLY B 316 -4.07 -7.95 -23.03
C GLY B 316 -4.20 -9.46 -22.97
N VAL B 317 -3.94 -10.08 -21.83
CA VAL B 317 -4.04 -11.53 -21.68
C VAL B 317 -5.14 -11.86 -20.69
N ALA B 318 -5.97 -12.85 -21.03
CA ALA B 318 -7.13 -13.18 -20.22
C ALA B 318 -6.77 -14.06 -19.01
N GLU B 319 -6.22 -15.25 -19.25
CA GLU B 319 -5.90 -16.13 -18.13
C GLU B 319 -4.73 -15.56 -17.33
N PRO B 320 -4.76 -15.68 -15.99
CA PRO B 320 -3.67 -15.14 -15.18
C PRO B 320 -2.33 -15.69 -15.62
N THR B 321 -1.29 -14.86 -15.50
CA THR B 321 0.05 -15.31 -15.82
C THR B 321 0.62 -16.22 -14.74
N SER B 322 0.07 -16.15 -13.52
CA SER B 322 0.51 -17.05 -12.46
C SER B 322 -0.61 -17.23 -11.44
N ILE B 323 -0.59 -18.38 -10.78
CA ILE B 323 -1.39 -18.60 -9.59
CA ILE B 323 -1.42 -18.64 -9.61
C ILE B 323 -0.62 -19.53 -8.67
N SER B 324 -0.66 -19.20 -7.38
CA SER B 324 0.02 -19.99 -6.36
C SER B 324 -0.85 -19.97 -5.12
N ILE B 325 -0.80 -21.04 -4.34
CA ILE B 325 -1.59 -21.18 -3.12
CA ILE B 325 -1.55 -21.07 -3.09
C ILE B 325 -0.69 -21.70 -2.00
N ASP B 326 -0.83 -21.13 -0.79
CA ASP B 326 -0.07 -21.54 0.37
C ASP B 326 -1.04 -21.77 1.52
N THR B 327 -1.05 -22.99 2.06
CA THR B 327 -1.86 -23.33 3.22
C THR B 327 -1.05 -23.39 4.51
N PHE B 328 0.24 -23.05 4.45
CA PHE B 328 1.09 -22.94 5.63
C PHE B 328 1.08 -24.24 6.45
N GLY B 329 1.09 -25.38 5.75
CA GLY B 329 1.07 -26.68 6.38
C GLY B 329 -0.25 -27.08 7.00
N THR B 330 -1.30 -26.28 6.83
CA THR B 330 -2.62 -26.62 7.36
C THR B 330 -3.52 -27.33 6.35
N GLY B 331 -3.09 -27.42 5.09
CA GLY B 331 -3.96 -27.97 4.06
C GLY B 331 -4.19 -29.46 4.22
N LYS B 332 -5.41 -29.89 3.88
CA LYS B 332 -5.77 -31.31 3.97
C LYS B 332 -5.53 -32.07 2.67
N ILE B 333 -5.35 -31.36 1.56
CA ILE B 333 -4.81 -31.93 0.33
C ILE B 333 -3.65 -31.06 -0.09
N SER B 334 -2.88 -31.54 -1.06
CA SER B 334 -1.70 -30.80 -1.48
C SER B 334 -2.11 -29.49 -2.16
N GLU B 335 -1.20 -28.52 -2.13
CA GLU B 335 -1.46 -27.26 -2.80
C GLU B 335 -1.56 -27.43 -4.30
N GLU B 336 -0.87 -28.43 -4.87
CA GLU B 336 -1.07 -28.76 -6.28
C GLU B 336 -2.50 -29.19 -6.55
N LYS B 337 -3.05 -30.07 -5.70
CA LYS B 337 -4.43 -30.49 -5.84
C LYS B 337 -5.39 -29.32 -5.68
N LEU B 338 -5.07 -28.39 -4.76
CA LEU B 338 -5.93 -27.23 -4.56
C LEU B 338 -5.94 -26.33 -5.79
N ILE B 339 -4.77 -26.12 -6.42
CA ILE B 339 -4.72 -25.28 -7.60
C ILE B 339 -5.57 -25.88 -8.72
N ALA B 340 -5.51 -27.20 -8.87
CA ALA B 340 -6.36 -27.87 -9.86
C ALA B 340 -7.84 -27.66 -9.54
N LEU B 341 -8.20 -27.75 -8.26
CA LEU B 341 -9.59 -27.51 -7.87
C LEU B 341 -10.02 -26.09 -8.18
N VAL B 342 -9.16 -25.12 -7.87
CA VAL B 342 -9.50 -23.72 -8.08
C VAL B 342 -9.72 -23.44 -9.56
N CYS B 343 -8.85 -23.97 -10.42
CA CYS B 343 -9.01 -23.75 -11.85
C CYS B 343 -10.28 -24.39 -12.39
N GLU B 344 -10.74 -25.48 -11.78
CA GLU B 344 -11.97 -26.11 -12.23
C GLU B 344 -13.22 -25.41 -11.70
N HIS B 345 -13.15 -24.82 -10.51
CA HIS B 345 -14.34 -24.27 -9.86
C HIS B 345 -14.44 -22.75 -9.91
N PHE B 346 -13.42 -22.05 -10.36
CA PHE B 346 -13.44 -20.59 -10.43
C PHE B 346 -12.92 -20.16 -11.78
N ASP B 347 -13.49 -19.08 -12.31
CA ASP B 347 -13.09 -18.51 -13.59
C ASP B 347 -12.37 -17.21 -13.24
N LEU B 348 -11.04 -17.23 -13.30
CA LEU B 348 -10.22 -16.10 -12.89
C LEU B 348 -9.82 -15.20 -14.06
N ARG B 349 -10.36 -15.43 -15.26
CA ARG B 349 -10.26 -14.43 -16.31
C ARG B 349 -11.02 -13.18 -15.88
N PRO B 350 -10.57 -11.99 -16.31
CA PRO B 350 -11.21 -10.75 -15.83
C PRO B 350 -12.72 -10.73 -15.99
N LYS B 351 -13.24 -11.14 -17.15
CA LYS B 351 -14.69 -11.15 -17.33
C LYS B 351 -15.34 -12.31 -16.59
N GLY B 352 -14.61 -13.41 -16.38
CA GLY B 352 -15.17 -14.52 -15.64
C GLY B 352 -15.40 -14.18 -14.17
N ILE B 353 -14.52 -13.35 -13.60
CA ILE B 353 -14.70 -12.89 -12.23
C ILE B 353 -15.96 -12.04 -12.12
N VAL B 354 -16.14 -11.12 -13.07
CA VAL B 354 -17.30 -10.24 -13.04
C VAL B 354 -18.58 -11.04 -13.06
N GLN B 355 -18.64 -12.10 -13.88
CA GLN B 355 -19.82 -12.95 -13.89
C GLN B 355 -19.93 -13.78 -12.63
N MET B 356 -18.80 -14.32 -12.16
CA MET B 356 -18.80 -15.15 -10.96
C MET B 356 -19.38 -14.40 -9.76
N LEU B 357 -19.06 -13.12 -9.62
CA LEU B 357 -19.39 -12.35 -8.43
C LEU B 357 -20.45 -11.27 -8.67
N ASP B 358 -21.06 -11.22 -9.86
CA ASP B 358 -22.17 -10.31 -10.14
C ASP B 358 -21.77 -8.86 -9.83
N LEU B 359 -20.68 -8.44 -10.44
CA LEU B 359 -20.01 -7.20 -10.05
C LEU B 359 -20.51 -5.95 -10.76
N LEU B 360 -21.34 -6.08 -11.81
CA LEU B 360 -21.78 -4.90 -12.57
C LEU B 360 -23.01 -4.26 -11.94
N ARG B 361 -22.84 -3.82 -10.70
CA ARG B 361 -23.91 -3.24 -9.90
C ARG B 361 -23.32 -2.21 -8.96
N PRO B 362 -24.15 -1.19 -8.50
CA PRO B 362 -23.63 -0.15 -7.56
C PRO B 362 -23.55 -0.66 -6.12
N ILE B 363 -22.53 -1.48 -5.85
CA ILE B 363 -22.39 -2.19 -4.59
C ILE B 363 -21.14 -1.78 -3.83
N TYR B 364 -20.47 -0.70 -4.24
CA TYR B 364 -19.12 -0.44 -3.76
C TYR B 364 -18.99 0.64 -2.70
N GLY B 365 -19.95 1.56 -2.60
CA GLY B 365 -19.80 2.64 -1.64
C GLY B 365 -19.58 2.16 -0.22
N LYS B 366 -20.25 1.07 0.17
CA LYS B 366 -20.10 0.56 1.54
C LYS B 366 -18.75 -0.08 1.77
N SER B 367 -18.06 -0.52 0.71
CA SER B 367 -16.78 -1.18 0.89
C SER B 367 -15.67 -0.20 1.26
N ALA B 368 -15.89 1.10 1.03
CA ALA B 368 -14.80 2.07 1.05
C ALA B 368 -14.44 2.57 2.45
N ALA B 369 -15.11 2.09 3.49
CA ALA B 369 -14.63 2.27 4.86
C ALA B 369 -14.96 1.02 5.66
N TYR B 370 -14.09 0.71 6.65
CA TYR B 370 -14.23 -0.40 7.58
C TYR B 370 -13.93 -1.76 6.93
N GLY B 371 -13.25 -1.73 5.78
CA GLY B 371 -12.68 -2.94 5.21
C GLY B 371 -13.49 -3.52 4.07
N HIS B 372 -12.81 -3.99 3.02
CA HIS B 372 -13.50 -4.67 1.94
C HIS B 372 -13.78 -6.13 2.25
N PHE B 373 -13.05 -6.71 3.20
CA PHE B 373 -13.16 -8.12 3.53
C PHE B 373 -13.58 -8.31 4.98
N GLY B 374 -14.37 -9.34 5.22
CA GLY B 374 -14.75 -9.73 6.55
C GLY B 374 -16.13 -9.29 7.00
N ARG B 375 -16.85 -8.53 6.18
CA ARG B 375 -18.24 -8.19 6.48
C ARG B 375 -19.15 -8.93 5.51
N GLU B 376 -20.11 -9.68 6.05
CA GLU B 376 -20.98 -10.46 5.19
C GLU B 376 -22.24 -9.67 4.82
N GLU B 377 -22.02 -8.47 4.29
CA GLU B 377 -23.10 -7.66 3.75
C GLU B 377 -23.65 -8.29 2.47
N PRO B 378 -24.92 -8.05 2.14
CA PRO B 378 -25.45 -8.61 0.89
CA PRO B 378 -25.45 -8.60 0.88
C PRO B 378 -24.74 -8.08 -0.35
N GLU B 379 -24.20 -6.87 -0.31
CA GLU B 379 -23.46 -6.34 -1.45
C GLU B 379 -22.19 -7.14 -1.74
N PHE B 380 -21.61 -7.76 -0.70
CA PHE B 380 -20.24 -8.27 -0.80
C PHE B 380 -20.29 -9.75 -1.19
N THR B 381 -20.43 -9.97 -2.51
CA THR B 381 -20.60 -11.32 -3.02
C THR B 381 -19.35 -12.16 -2.82
N TRP B 382 -18.18 -11.53 -2.74
CA TRP B 382 -16.93 -12.23 -2.51
C TRP B 382 -16.81 -12.78 -1.10
N GLU B 383 -17.74 -12.45 -0.22
CA GLU B 383 -17.77 -13.01 1.13
C GLU B 383 -18.72 -14.19 1.25
N ARG B 384 -19.40 -14.56 0.17
CA ARG B 384 -20.26 -15.74 0.21
C ARG B 384 -19.43 -17.01 0.18
N THR B 385 -19.85 -18.00 0.96
CA THR B 385 -19.21 -19.31 0.98
C THR B 385 -20.03 -20.34 0.20
N ASP B 386 -20.57 -19.93 -0.95
CA ASP B 386 -21.48 -20.78 -1.71
C ASP B 386 -20.77 -21.86 -2.52
N LYS B 387 -19.44 -21.91 -2.50
CA LYS B 387 -18.73 -22.97 -3.19
C LYS B 387 -18.02 -23.94 -2.24
N ALA B 388 -18.11 -23.70 -0.93
CA ALA B 388 -17.39 -24.53 0.03
C ALA B 388 -17.81 -26.00 -0.09
N ALA B 389 -19.11 -26.26 -0.17
CA ALA B 389 -19.61 -27.63 -0.21
C ALA B 389 -19.14 -28.35 -1.47
N SER B 390 -19.16 -27.66 -2.61
CA SER B 390 -18.73 -28.30 -3.86
CA SER B 390 -18.73 -28.29 -3.87
CA SER B 390 -18.73 -28.30 -3.86
C SER B 390 -17.23 -28.59 -3.84
N LEU B 391 -16.44 -27.72 -3.21
CA LEU B 391 -15.01 -27.97 -3.10
C LEU B 391 -14.73 -29.12 -2.14
N LYS B 392 -15.44 -29.14 -1.01
CA LYS B 392 -15.29 -30.21 -0.04
C LYS B 392 -15.65 -31.56 -0.65
N ALA B 393 -16.66 -31.58 -1.52
CA ALA B 393 -17.03 -32.82 -2.19
C ALA B 393 -16.02 -33.19 -3.27
N ALA B 394 -15.64 -32.21 -4.10
CA ALA B 394 -14.72 -32.47 -5.20
C ALA B 394 -13.32 -32.85 -4.71
N ALA B 395 -12.95 -32.41 -3.52
CA ALA B 395 -11.65 -32.79 -2.95
C ALA B 395 -11.60 -34.25 -2.53
N GLY B 396 -12.72 -34.95 -2.56
CA GLY B 396 -12.79 -36.30 -2.05
C GLY B 396 -13.04 -36.38 -0.56
N LEU B 397 -13.43 -35.27 0.07
CA LEU B 397 -13.60 -35.22 1.51
C LEU B 397 -15.08 -35.04 1.85
MG MG C . -0.53 5.04 7.96
P AMP D . -3.33 1.66 -18.26
O1P AMP D . -3.10 0.17 -18.14
O2P AMP D . -2.58 2.32 -19.37
O3P AMP D . -4.79 2.08 -18.21
O5' AMP D . -2.74 2.35 -16.96
C5' AMP D . -1.80 1.69 -16.13
C4' AMP D . -0.41 1.84 -16.68
O4' AMP D . -0.24 0.98 -17.83
C3' AMP D . 0.00 3.19 -17.22
O3' AMP D . 0.29 4.14 -16.20
C2' AMP D . 1.22 2.85 -18.08
O2' AMP D . 2.36 2.65 -17.24
C1' AMP D . 0.80 1.47 -18.62
N9 AMP D . 0.36 1.54 -20.04
C8 AMP D . -0.21 2.60 -20.65
N7 AMP D . -0.45 2.30 -21.96
C5 AMP D . 0.01 1.06 -22.18
C6 AMP D . 0.08 0.15 -23.34
N6 AMP D . -0.39 0.53 -24.55
N1 AMP D . 0.65 -1.07 -23.15
C2 AMP D . 1.12 -1.46 -21.96
N3 AMP D . 1.09 -0.68 -20.86
C4 AMP D . 0.56 0.56 -20.92
MG MG E . -1.64 3.92 -10.37
P1 POP F . -3.68 1.99 -12.02
O1 POP F . -3.93 0.90 -11.00
O2 POP F . -4.85 2.15 -12.97
O3 POP F . -3.44 3.32 -11.32
O POP F . -2.41 1.60 -12.96
P2 POP F . -0.93 1.36 -12.35
O4 POP F . -0.90 0.11 -11.51
O5 POP F . 0.01 1.25 -13.52
O6 POP F . -0.57 2.54 -11.48
P PO4 G . -2.47 1.56 -8.04
O1 PO4 G . -1.86 1.61 -6.61
O2 PO4 G . -3.96 1.53 -7.81
O3 PO4 G . -2.05 0.29 -8.77
O4 PO4 G . -2.02 2.76 -8.83
MG MG H . -2.51 8.91 4.56
N SAM I . 0.41 14.53 7.71
CA SAM I . 0.75 14.48 9.15
C SAM I . 1.81 15.55 9.52
O SAM I . 2.60 15.25 10.46
OXT SAM I . 1.78 16.62 8.86
CB SAM I . 1.26 13.09 9.52
CG SAM I . 0.12 12.08 9.42
SD SAM I . -1.41 12.37 10.57
CE SAM I . -0.63 11.94 12.27
C5' SAM I . -2.43 10.88 10.00
C4' SAM I . -3.74 10.68 10.72
O4' SAM I . -3.49 10.72 12.17
C3' SAM I . -4.73 11.82 10.51
O3' SAM I . -5.41 11.54 9.28
C2' SAM I . -5.69 11.53 11.66
O2' SAM I . -6.49 10.40 11.41
C1' SAM I . -4.68 11.21 12.78
N9 SAM I . -4.41 12.40 13.58
C8 SAM I . -4.40 13.74 13.18
N7 SAM I . -4.13 14.51 14.18
C5 SAM I . -3.97 13.67 15.29
C6 SAM I . -3.69 13.91 16.63
N6 SAM I . -3.51 15.14 17.12
N1 SAM I . -3.60 12.84 17.45
C2 SAM I . -3.79 11.62 16.98
N3 SAM I . -4.06 11.29 15.72
C4 SAM I . -4.14 12.36 14.91
MG MG J . -2.62 -0.65 -10.54
PG 3PO K . -0.11 6.74 4.79
O1G 3PO K . -0.31 5.52 5.69
O2G 3PO K . -1.36 7.26 4.09
O3G 3PO K . 0.95 6.43 3.77
PB 3PO K . -0.03 9.28 6.39
O1B 3PO K . 1.08 10.19 6.84
O2B 3PO K . -0.91 9.88 5.29
O3B 3PO K . 0.57 7.88 5.80
PA 3PO K . -2.25 7.97 7.71
O1A 3PO K . -1.83 6.56 7.92
O2A 3PO K . -2.98 8.11 6.40
O3A 3PO K . -0.95 8.98 7.74
O5' 3PO K . -3.15 8.33 8.86
#